data_9MG3
#
_entry.id   9MG3
#
_cell.length_a   65.043
_cell.length_b   92.611
_cell.length_c   101.298
_cell.angle_alpha   90.00
_cell.angle_beta   90.00
_cell.angle_gamma   90.00
#
_symmetry.space_group_name_H-M   'P 21 21 21'
#
loop_
_entity.id
_entity.type
_entity.pdbx_description
1 polymer 'mRNA cap guanine-N(7) methyltransferase'
2 non-polymer SINEFUNGIN
3 non-polymer "GUANOSINE-5'-TRIPHOSPHATE"
4 non-polymer 'SODIUM ION'
5 non-polymer 'SULFATE ION'
6 non-polymer 1,2-ETHANEDIOL
7 water water
#
_entity_poly.entity_id   1
_entity_poly.type   'polypeptide(L)'
_entity_poly.pdbx_seq_one_letter_code
;SPIIKLRNFNNAIKYILIDKFTRAGDVVLELACGKGGDLRKYGAAGISQFIGIDISNASITEALKRYHSMKNLEYQVILI
TGDCFGESLGVAVESFPECRFPCDIVSCQFALHYAFETEEKARRMLLNVVKSLKIGGYFFGTIPDSEFIRYKMNKIPESV
EKPSWGNSIYKVTFSNNEYQKNGNEFPSPFGQMYTFWLEDAIDNVPEYVIPFESFRSLADEYGMELELQKGFNEFFVEEI
PNWVNRFSPKMREGLKRSDGRYGVEGVEKEPAAYFYTTFAFRKVRDYQE
;
_entity_poly.pdbx_strand_id   A,B
#
loop_
_chem_comp.id
_chem_comp.type
_chem_comp.name
_chem_comp.formula
EDO non-polymer 1,2-ETHANEDIOL 'C2 H6 O2'
GTP non-polymer GUANOSINE-5'-TRIPHOSPHATE 'C10 H16 N5 O14 P3'
NA non-polymer 'SODIUM ION' 'Na 1'
SFG non-polymer SINEFUNGIN 'C15 H23 N7 O5'
SO4 non-polymer 'SULFATE ION' 'O4 S -2'
#
# COMPACT_ATOMS: atom_id res chain seq x y z
N SER A 1 21.62 9.22 2.53
CA SER A 1 20.47 9.45 3.37
C SER A 1 19.22 8.88 2.71
N PRO A 2 18.35 8.26 3.50
CA PRO A 2 16.99 8.00 2.99
C PRO A 2 16.34 9.25 2.46
N ILE A 3 16.45 10.39 3.14
CA ILE A 3 15.79 11.60 2.67
C ILE A 3 16.42 12.11 1.37
N ILE A 4 17.75 12.03 1.26
CA ILE A 4 18.40 12.44 0.01
C ILE A 4 17.93 11.55 -1.14
N LYS A 5 17.82 10.24 -0.90
CA LYS A 5 17.33 9.35 -1.95
C LYS A 5 15.88 9.67 -2.32
N LEU A 6 15.05 9.99 -1.33
CA LEU A 6 13.68 10.38 -1.61
C LEU A 6 13.63 11.65 -2.45
N ARG A 7 14.42 12.67 -2.09
CA ARG A 7 14.41 13.91 -2.84
C ARG A 7 14.83 13.68 -4.29
N ASN A 8 15.87 12.85 -4.49
CA ASN A 8 16.33 12.56 -5.84
C ASN A 8 15.27 11.82 -6.65
N PHE A 9 14.62 10.82 -6.04
CA PHE A 9 13.57 10.08 -6.72
C PHE A 9 12.41 10.99 -7.10
N ASN A 10 11.93 11.81 -6.16
CA ASN A 10 10.79 12.67 -6.47
C ASN A 10 11.16 13.76 -7.46
N ASN A 11 12.40 14.23 -7.43
N ASN A 11 12.40 14.23 -7.41
CA ASN A 11 12.84 15.14 -8.48
CA ASN A 11 12.89 15.12 -8.45
C ASN A 11 12.83 14.44 -9.83
C ASN A 11 12.83 14.44 -9.81
N ALA A 12 13.21 13.16 -9.87
CA ALA A 12 13.16 12.43 -11.13
C ALA A 12 11.72 12.28 -11.60
N ILE A 13 10.79 12.01 -10.68
CA ILE A 13 9.38 11.93 -11.03
C ILE A 13 8.95 13.22 -11.70
N LYS A 14 9.31 14.35 -11.10
CA LYS A 14 8.89 15.63 -11.68
C LYS A 14 9.49 15.86 -13.07
N TYR A 15 10.77 15.57 -13.25
CA TYR A 15 11.39 15.68 -14.57
C TYR A 15 10.58 14.88 -15.60
N ILE A 16 10.28 13.62 -15.27
CA ILE A 16 9.57 12.76 -16.20
C ILE A 16 8.18 13.31 -16.47
N LEU A 17 7.47 13.70 -15.41
CA LEU A 17 6.10 14.17 -15.54
C LEU A 17 6.04 15.44 -16.36
N ILE A 18 6.95 16.38 -16.08
CA ILE A 18 6.95 17.63 -16.84
C ILE A 18 7.18 17.36 -18.31
N ASP A 19 8.20 16.55 -18.62
CA ASP A 19 8.51 16.21 -20.01
C ASP A 19 7.35 15.50 -20.71
N LYS A 20 6.60 14.68 -19.98
CA LYS A 20 5.51 13.91 -20.56
C LYS A 20 4.43 14.81 -21.15
N PHE A 21 4.15 15.94 -20.49
CA PHE A 21 3.06 16.80 -20.93
C PHE A 21 3.46 18.14 -21.53
N THR A 22 4.68 18.62 -21.32
CA THR A 22 5.14 19.93 -21.75
C THR A 22 5.94 19.82 -23.05
N ARG A 23 5.60 20.65 -24.03
CA ARG A 23 6.18 20.60 -25.36
C ARG A 23 6.84 21.94 -25.67
N ALA A 24 7.78 21.90 -26.60
CA ALA A 24 8.53 23.10 -26.97
C ALA A 24 7.58 24.21 -27.39
N GLY A 25 7.78 25.40 -26.79
CA GLY A 25 6.98 26.57 -27.06
C GLY A 25 5.82 26.76 -26.12
N ASP A 26 5.54 25.77 -25.27
CA ASP A 26 4.39 25.88 -24.38
C ASP A 26 4.55 27.04 -23.39
N VAL A 27 3.42 27.60 -22.99
CA VAL A 27 3.34 28.53 -21.88
C VAL A 27 2.82 27.74 -20.69
N VAL A 28 3.54 27.81 -19.56
CA VAL A 28 3.23 27.07 -18.34
C VAL A 28 2.81 28.02 -17.24
N LEU A 29 1.70 27.73 -16.60
CA LEU A 29 1.31 28.32 -15.34
C LEU A 29 1.54 27.28 -14.26
N GLU A 30 2.39 27.59 -13.29
CA GLU A 30 2.65 26.72 -12.17
C GLU A 30 1.97 27.27 -10.93
N LEU A 31 0.98 26.54 -10.41
CA LEU A 31 0.30 26.93 -9.19
C LEU A 31 1.07 26.48 -7.97
N ALA A 32 1.09 27.32 -6.95
CA ALA A 32 1.75 27.00 -5.69
C ALA A 32 3.19 26.56 -5.93
N CYS A 33 3.90 27.37 -6.72
CA CYS A 33 5.23 27.04 -7.21
C CYS A 33 6.28 27.04 -6.10
N GLY A 34 5.95 27.50 -4.92
CA GLY A 34 6.94 27.55 -3.85
C GLY A 34 8.15 28.38 -4.25
N LYS A 35 9.32 27.83 -3.96
CA LYS A 35 10.58 28.50 -4.23
C LYS A 35 11.06 28.30 -5.68
N GLY A 36 10.21 27.76 -6.54
CA GLY A 36 10.52 27.75 -7.98
C GLY A 36 11.65 26.82 -8.36
N GLY A 37 11.69 25.63 -7.77
CA GLY A 37 12.78 24.72 -8.00
C GLY A 37 12.72 23.87 -9.25
N ASP A 38 11.67 23.98 -10.05
CA ASP A 38 11.53 23.19 -11.26
C ASP A 38 11.82 23.96 -12.56
N LEU A 39 12.32 25.20 -12.45
CA LEU A 39 12.53 26.00 -13.67
C LEU A 39 13.38 25.26 -14.70
N ARG A 40 14.48 24.64 -14.27
CA ARG A 40 15.35 23.97 -15.22
C ARG A 40 14.64 22.80 -15.89
N LYS A 41 13.66 22.20 -15.22
CA LYS A 41 12.90 21.11 -15.82
C LYS A 41 12.04 21.63 -16.97
N TYR A 42 11.42 22.80 -16.78
CA TYR A 42 10.64 23.40 -17.86
C TYR A 42 11.53 23.91 -18.98
N GLY A 43 12.71 24.44 -18.62
CA GLY A 43 13.65 24.83 -19.65
C GLY A 43 14.09 23.67 -20.53
N ALA A 44 14.34 22.51 -19.90
CA ALA A 44 14.69 21.33 -20.68
C ALA A 44 13.59 20.97 -21.68
N ALA A 45 12.32 21.21 -21.30
CA ALA A 45 11.20 20.97 -22.21
C ALA A 45 11.04 22.04 -23.28
N GLY A 46 11.81 23.13 -23.23
CA GLY A 46 11.75 24.12 -24.29
C GLY A 46 10.59 25.08 -24.24
N ILE A 47 10.06 25.37 -23.05
CA ILE A 47 8.91 26.26 -22.95
C ILE A 47 9.26 27.64 -23.45
N SER A 48 8.22 28.43 -23.73
CA SER A 48 8.41 29.83 -24.12
C SER A 48 8.18 30.80 -22.96
N GLN A 49 7.31 30.46 -22.00
CA GLN A 49 7.02 31.37 -20.89
C GLN A 49 6.63 30.52 -19.70
N PHE A 50 7.07 30.95 -18.52
CA PHE A 50 6.74 30.34 -17.24
C PHE A 50 6.13 31.41 -16.36
N ILE A 51 4.96 31.11 -15.79
CA ILE A 51 4.30 31.95 -14.80
C ILE A 51 4.15 31.09 -13.56
N GLY A 52 4.78 31.50 -12.47
CA GLY A 52 4.70 30.80 -11.19
C GLY A 52 4.03 31.69 -10.15
N ILE A 53 3.05 31.12 -9.45
CA ILE A 53 2.32 31.87 -8.43
C ILE A 53 2.33 31.08 -7.13
N ASP A 54 2.63 31.77 -6.02
CA ASP A 54 2.56 31.14 -4.71
C ASP A 54 2.04 32.12 -3.69
N ILE A 55 1.35 31.60 -2.68
CA ILE A 55 0.75 32.47 -1.69
C ILE A 55 1.80 33.07 -0.76
N SER A 56 2.99 32.48 -0.67
CA SER A 56 4.02 32.92 0.24
C SER A 56 4.98 33.89 -0.43
N ASN A 57 4.99 35.11 0.10
CA ASN A 57 5.94 36.10 -0.37
C ASN A 57 7.37 35.68 -0.10
N ALA A 58 7.61 35.01 1.03
CA ALA A 58 8.98 34.57 1.30
C ALA A 58 9.44 33.55 0.26
N SER A 59 8.54 32.65 -0.15
CA SER A 59 8.92 31.67 -1.16
C SER A 59 9.13 32.32 -2.53
N ILE A 60 8.29 33.27 -2.91
CA ILE A 60 8.46 33.95 -4.20
C ILE A 60 9.73 34.78 -4.19
N THR A 61 10.04 35.45 -3.08
CA THR A 61 11.32 36.14 -2.98
C THR A 61 12.49 35.19 -3.23
N GLU A 62 12.43 33.98 -2.68
CA GLU A 62 13.52 33.02 -2.90
C GLU A 62 13.53 32.54 -4.35
N ALA A 63 12.34 32.30 -4.92
CA ALA A 63 12.27 31.86 -6.31
C ALA A 63 12.84 32.92 -7.25
N LEU A 64 12.53 34.21 -6.99
CA LEU A 64 13.11 35.27 -7.80
C LEU A 64 14.62 35.34 -7.63
N LYS A 65 15.11 35.13 -6.39
CA LYS A 65 16.55 35.08 -6.18
C LYS A 65 17.19 33.94 -6.96
N ARG A 66 16.55 32.77 -6.97
CA ARG A 66 17.07 31.66 -7.76
C ARG A 66 17.03 31.98 -9.24
N TYR A 67 15.90 32.52 -9.71
CA TYR A 67 15.78 32.88 -11.12
C TYR A 67 16.89 33.84 -11.54
N HIS A 68 17.06 34.94 -10.79
CA HIS A 68 17.99 35.99 -11.18
C HIS A 68 19.44 35.53 -11.17
N SER A 69 19.74 34.40 -10.54
CA SER A 69 21.08 33.83 -10.57
C SER A 69 21.30 32.91 -11.77
N MET A 70 20.28 32.71 -12.60
CA MET A 70 20.41 31.91 -13.82
C MET A 70 20.79 32.81 -14.99
N LYS A 71 21.26 32.16 -16.06
CA LYS A 71 21.86 32.86 -17.18
C LYS A 71 21.55 32.10 -18.47
N ASN A 72 21.59 32.83 -19.58
CA ASN A 72 21.44 32.26 -20.91
C ASN A 72 20.08 31.59 -21.10
N LEU A 73 19.05 32.06 -20.39
CA LEU A 73 17.75 31.42 -20.45
C LEU A 73 17.02 31.80 -21.74
N GLU A 74 16.29 30.84 -22.29
CA GLU A 74 15.60 31.02 -23.55
C GLU A 74 14.10 31.26 -23.37
N TYR A 75 13.61 31.36 -22.14
CA TYR A 75 12.20 31.56 -21.86
CA TYR A 75 12.20 31.56 -21.86
C TYR A 75 12.03 32.69 -20.85
N GLN A 76 10.87 33.34 -20.94
CA GLN A 76 10.52 34.40 -19.99
C GLN A 76 9.94 33.79 -18.71
N VAL A 77 10.23 34.46 -17.58
CA VAL A 77 9.83 33.99 -16.27
C VAL A 77 9.09 35.10 -15.54
N ILE A 78 7.87 34.82 -15.10
CA ILE A 78 7.09 35.70 -14.24
C ILE A 78 6.84 34.95 -12.94
N LEU A 79 7.17 35.59 -11.81
CA LEU A 79 6.97 35.01 -10.48
C LEU A 79 6.17 35.98 -9.62
N ILE A 80 5.05 35.50 -9.09
CA ILE A 80 3.98 36.34 -8.55
C ILE A 80 3.55 35.78 -7.22
N THR A 81 3.28 36.65 -6.25
CA THR A 81 2.64 36.23 -5.02
CA THR A 81 2.63 36.20 -5.03
C THR A 81 1.12 36.34 -5.18
N GLY A 82 0.40 35.27 -4.91
CA GLY A 82 -1.04 35.33 -4.99
C GLY A 82 -1.66 34.02 -4.53
N ASP A 83 -2.95 34.09 -4.24
CA ASP A 83 -3.76 32.96 -3.80
C ASP A 83 -4.30 32.27 -5.03
N CYS A 84 -3.85 31.04 -5.25
CA CYS A 84 -4.24 30.22 -6.38
C CYS A 84 -5.52 29.42 -6.16
N PHE A 85 -5.98 29.32 -4.91
CA PHE A 85 -7.05 28.39 -4.56
C PHE A 85 -8.27 29.04 -3.94
N GLY A 86 -8.10 30.12 -3.18
CA GLY A 86 -9.21 30.73 -2.47
C GLY A 86 -9.79 31.95 -3.14
N GLU A 87 -9.17 32.43 -4.21
CA GLU A 87 -9.62 33.64 -4.89
C GLU A 87 -9.43 33.43 -6.38
N SER A 88 -10.14 34.24 -7.16
CA SER A 88 -9.96 34.21 -8.60
C SER A 88 -8.54 34.61 -8.95
N LEU A 89 -7.97 33.90 -9.92
CA LEU A 89 -6.59 34.15 -10.29
C LEU A 89 -6.42 35.54 -10.88
N GLY A 90 -7.51 36.14 -11.36
CA GLY A 90 -7.42 37.47 -11.92
C GLY A 90 -6.86 38.47 -10.93
N VAL A 91 -7.11 38.25 -9.64
CA VAL A 91 -6.56 39.14 -8.61
C VAL A 91 -5.03 39.12 -8.66
N ALA A 92 -4.46 37.92 -8.69
CA ALA A 92 -3.00 37.78 -8.60
C ALA A 92 -2.30 38.33 -9.83
N VAL A 93 -2.89 38.20 -11.02
CA VAL A 93 -2.16 38.44 -12.27
C VAL A 93 -2.48 39.77 -12.94
N GLU A 94 -3.38 40.57 -12.37
CA GLU A 94 -3.82 41.75 -13.11
C GLU A 94 -2.66 42.74 -13.32
N SER A 95 -1.79 42.89 -12.34
CA SER A 95 -0.64 43.79 -12.48
C SER A 95 0.54 43.13 -13.19
N PHE A 96 0.34 41.97 -13.81
CA PHE A 96 1.35 41.31 -14.64
C PHE A 96 0.72 41.02 -16.00
N PRO A 97 0.42 42.07 -16.76
CA PRO A 97 -0.23 41.88 -18.07
C PRO A 97 0.63 41.14 -19.08
N GLU A 98 1.95 41.05 -18.85
CA GLU A 98 2.81 40.29 -19.72
C GLU A 98 2.52 38.78 -19.70
N CYS A 99 1.76 38.31 -18.72
CA CYS A 99 1.34 36.91 -18.72
C CYS A 99 0.55 36.61 -19.99
N ARG A 100 0.89 35.52 -20.66
CA ARG A 100 0.24 35.12 -21.90
C ARG A 100 -0.84 34.10 -21.57
N PHE A 101 -2.06 34.59 -21.31
CA PHE A 101 -3.17 33.70 -21.02
C PHE A 101 -4.15 33.72 -22.19
N PRO A 102 -4.82 32.60 -22.48
CA PRO A 102 -4.72 31.30 -21.79
C PRO A 102 -3.41 30.57 -22.07
N CYS A 103 -2.99 29.66 -21.20
N CYS A 103 -3.03 29.66 -21.16
CA CYS A 103 -1.74 28.94 -21.35
CA CYS A 103 -1.79 28.89 -21.17
C CYS A 103 -1.99 27.51 -21.81
C CYS A 103 -1.99 27.57 -21.92
N ASP A 104 -0.90 26.84 -22.11
CA ASP A 104 -0.96 25.48 -22.66
C ASP A 104 -0.92 24.40 -21.58
N ILE A 105 -0.33 24.71 -20.43
CA ILE A 105 -0.10 23.76 -19.34
C ILE A 105 -0.36 24.47 -18.03
N VAL A 106 -1.03 23.79 -17.10
CA VAL A 106 -1.08 24.19 -15.70
C VAL A 106 -0.48 23.05 -14.90
N SER A 107 0.51 23.35 -14.07
CA SER A 107 1.13 22.33 -13.24
C SER A 107 1.01 22.69 -11.77
N CYS A 108 1.07 21.68 -10.90
CA CYS A 108 1.04 21.95 -9.47
C CYS A 108 1.65 20.78 -8.72
N GLN A 109 2.78 21.03 -8.04
CA GLN A 109 3.54 19.96 -7.39
C GLN A 109 3.36 20.04 -5.88
N PHE A 110 2.96 18.92 -5.29
CA PHE A 110 2.92 18.76 -3.82
C PHE A 110 2.14 19.88 -3.14
N ALA A 111 1.02 20.29 -3.76
CA ALA A 111 0.26 21.41 -3.20
C ALA A 111 -1.24 21.38 -3.44
N LEU A 112 -1.74 20.64 -4.44
CA LEU A 112 -3.14 20.81 -4.82
C LEU A 112 -4.08 20.38 -3.69
N HIS A 113 -3.64 19.46 -2.85
CA HIS A 113 -4.48 19.01 -1.75
C HIS A 113 -4.83 20.13 -0.77
N TYR A 114 -4.01 21.19 -0.68
CA TYR A 114 -4.41 22.31 0.16
C TYR A 114 -5.71 22.95 -0.34
N ALA A 115 -6.01 22.81 -1.64
CA ALA A 115 -7.26 23.33 -2.17
C ALA A 115 -8.47 22.54 -1.68
N PHE A 116 -8.28 21.34 -1.13
CA PHE A 116 -9.37 20.52 -0.62
C PHE A 116 -9.72 20.85 0.82
N GLU A 117 -9.25 21.99 1.34
CA GLU A 117 -9.68 22.48 2.65
C GLU A 117 -11.20 22.55 2.74
N THR A 118 -11.85 23.05 1.69
CA THR A 118 -13.31 23.10 1.62
C THR A 118 -13.71 22.85 0.17
N GLU A 119 -14.99 22.52 -0.02
CA GLU A 119 -15.53 22.38 -1.37
C GLU A 119 -15.38 23.69 -2.14
N GLU A 120 -15.64 24.82 -1.47
CA GLU A 120 -15.57 26.11 -2.16
C GLU A 120 -14.17 26.35 -2.70
N LYS A 121 -13.14 26.01 -1.93
N LYS A 121 -13.14 26.03 -1.93
CA LYS A 121 -11.77 26.22 -2.38
CA LYS A 121 -11.76 26.23 -2.39
C LYS A 121 -11.39 25.24 -3.49
C LYS A 121 -11.41 25.24 -3.50
N ALA A 122 -11.85 23.99 -3.38
CA ALA A 122 -11.57 23.02 -4.44
C ALA A 122 -12.16 23.48 -5.75
N ARG A 123 -13.39 23.99 -5.71
CA ARG A 123 -14.06 24.48 -6.91
C ARG A 123 -13.40 25.75 -7.45
N ARG A 124 -13.00 26.65 -6.55
CA ARG A 124 -12.35 27.87 -7.02
C ARG A 124 -11.03 27.55 -7.69
N MET A 125 -10.28 26.59 -7.13
CA MET A 125 -9.04 26.12 -7.75
C MET A 125 -9.31 25.58 -9.15
N LEU A 126 -10.33 24.73 -9.30
CA LEU A 126 -10.61 24.14 -10.60
C LEU A 126 -11.07 25.18 -11.60
N LEU A 127 -11.89 26.13 -11.17
CA LEU A 127 -12.29 27.22 -12.05
C LEU A 127 -11.08 28.04 -12.48
N ASN A 128 -10.14 28.30 -11.58
CA ASN A 128 -8.92 29.00 -11.97
C ASN A 128 -8.12 28.20 -12.99
N VAL A 129 -8.02 26.89 -12.81
CA VAL A 129 -7.30 26.05 -13.78
C VAL A 129 -7.93 26.16 -15.15
N VAL A 130 -9.24 25.90 -15.25
CA VAL A 130 -9.83 25.82 -16.59
C VAL A 130 -9.90 27.18 -17.25
N LYS A 131 -10.08 28.26 -16.49
CA LYS A 131 -10.09 29.58 -17.11
C LYS A 131 -8.71 29.94 -17.65
N SER A 132 -7.65 29.36 -17.07
CA SER A 132 -6.29 29.69 -17.51
C SER A 132 -5.84 28.87 -18.71
N LEU A 133 -6.48 27.74 -18.97
CA LEU A 133 -5.99 26.72 -19.90
C LEU A 133 -6.73 26.80 -21.22
N LYS A 134 -5.97 26.66 -22.32
CA LYS A 134 -6.59 26.50 -23.62
C LYS A 134 -7.34 25.17 -23.69
N ILE A 135 -8.39 25.15 -24.51
CA ILE A 135 -9.01 23.86 -24.85
C ILE A 135 -7.96 22.96 -25.49
N GLY A 136 -7.85 21.75 -24.98
CA GLY A 136 -6.84 20.81 -25.43
C GLY A 136 -5.59 20.80 -24.57
N GLY A 137 -5.46 21.77 -23.65
CA GLY A 137 -4.30 21.85 -22.80
C GLY A 137 -4.39 20.89 -21.63
N TYR A 138 -3.27 20.74 -20.90
CA TYR A 138 -3.15 19.74 -19.87
C TYR A 138 -2.88 20.35 -18.51
N PHE A 139 -3.37 19.67 -17.49
CA PHE A 139 -3.24 20.06 -16.09
C PHE A 139 -2.63 18.86 -15.38
N PHE A 140 -1.47 19.04 -14.74
CA PHE A 140 -0.81 17.85 -14.17
C PHE A 140 -0.09 18.19 -12.89
N GLY A 141 0.28 17.15 -12.14
CA GLY A 141 0.99 17.40 -10.90
C GLY A 141 1.12 16.15 -10.04
N THR A 142 1.41 16.41 -8.77
CA THR A 142 1.76 15.37 -7.80
C THR A 142 1.03 15.65 -6.49
N ILE A 143 0.36 14.64 -5.96
CA ILE A 143 -0.45 14.78 -4.75
C ILE A 143 -0.30 13.54 -3.87
N PRO A 144 -0.62 13.67 -2.59
CA PRO A 144 -0.78 12.46 -1.76
C PRO A 144 -1.87 11.56 -2.36
N ASP A 145 -1.63 10.25 -2.29
CA ASP A 145 -2.51 9.25 -2.90
C ASP A 145 -3.58 8.82 -1.90
N SER A 146 -4.82 9.28 -2.15
CA SER A 146 -5.93 8.93 -1.25
C SER A 146 -6.12 7.42 -1.15
N GLU A 147 -5.75 6.66 -2.19
CA GLU A 147 -5.98 5.23 -2.16
C GLU A 147 -4.99 4.52 -1.24
N PHE A 148 -3.77 5.05 -1.14
CA PHE A 148 -2.82 4.50 -0.17
C PHE A 148 -3.20 4.94 1.24
N ILE A 149 -3.62 6.20 1.39
CA ILE A 149 -4.13 6.69 2.68
C ILE A 149 -5.26 5.79 3.16
N ARG A 150 -6.20 5.45 2.27
CA ARG A 150 -7.34 4.65 2.70
C ARG A 150 -6.91 3.23 3.09
N TYR A 151 -5.98 2.63 2.34
CA TYR A 151 -5.39 1.37 2.73
C TYR A 151 -4.86 1.42 4.15
N LYS A 152 -4.05 2.43 4.48
CA LYS A 152 -3.50 2.52 5.84
C LYS A 152 -4.61 2.70 6.85
N MET A 153 -5.58 3.57 6.53
CA MET A 153 -6.65 3.85 7.48
C MET A 153 -7.54 2.64 7.73
N ASN A 154 -7.69 1.76 6.72
CA ASN A 154 -8.49 0.56 6.85
C ASN A 154 -7.83 -0.48 7.77
N LYS A 155 -6.58 -0.25 8.15
CA LYS A 155 -5.85 -1.13 9.06
C LYS A 155 -5.77 -0.57 10.48
N ILE A 156 -6.45 0.54 10.77
CA ILE A 156 -6.36 1.23 12.05
C ILE A 156 -7.69 1.04 12.79
N PRO A 157 -7.66 0.52 14.02
CA PRO A 157 -8.92 0.28 14.75
C PRO A 157 -9.62 1.58 15.15
N GLU A 158 -10.93 1.48 15.33
CA GLU A 158 -11.73 2.65 15.68
C GLU A 158 -11.36 3.20 17.05
N SER A 159 -10.73 2.39 17.91
CA SER A 159 -10.31 2.87 19.22
C SER A 159 -9.24 3.94 19.15
N VAL A 160 -8.48 4.01 18.05
CA VAL A 160 -7.44 5.04 17.92
C VAL A 160 -8.08 6.39 17.64
N GLU A 161 -7.88 7.34 18.55
CA GLU A 161 -8.52 8.65 18.39
C GLU A 161 -7.91 9.46 17.26
N LYS A 162 -6.59 9.38 17.08
CA LYS A 162 -5.87 10.12 16.05
C LYS A 162 -5.13 9.14 15.16
N PRO A 163 -5.78 8.59 14.13
CA PRO A 163 -5.15 7.52 13.34
C PRO A 163 -3.81 7.95 12.79
N SER A 164 -2.81 7.09 12.91
CA SER A 164 -1.44 7.45 12.58
C SER A 164 -0.67 6.25 12.08
N TRP A 165 0.27 6.51 11.17
CA TRP A 165 1.20 5.50 10.72
C TRP A 165 2.47 6.22 10.29
N GLY A 166 3.54 5.46 10.11
CA GLY A 166 4.75 6.04 9.59
C GLY A 166 5.94 5.14 9.78
N ASN A 167 7.12 5.71 9.65
CA ASN A 167 8.36 4.97 9.84
C ASN A 167 9.43 5.93 10.33
N SER A 168 10.71 5.55 10.23
CA SER A 168 11.77 6.34 10.83
C SER A 168 11.92 7.73 10.20
N ILE A 169 11.40 7.98 9.00
CA ILE A 169 11.55 9.30 8.36
C ILE A 169 10.25 10.01 8.03
N TYR A 170 9.08 9.42 8.31
CA TYR A 170 7.83 10.11 8.03
C TYR A 170 6.71 9.63 8.93
N LYS A 171 5.71 10.50 9.09
CA LYS A 171 4.57 10.18 9.92
C LYS A 171 3.34 10.97 9.47
N VAL A 172 2.21 10.28 9.44
CA VAL A 172 0.90 10.84 9.17
C VAL A 172 0.07 10.71 10.44
N THR A 173 -0.56 11.79 10.87
CA THR A 173 -1.44 11.76 12.04
C THR A 173 -2.75 12.49 11.74
N PHE A 174 -3.85 11.76 11.71
CA PHE A 174 -5.15 12.36 11.44
C PHE A 174 -5.71 13.11 12.64
N SER A 175 -6.41 14.21 12.35
CA SER A 175 -7.01 15.04 13.41
C SER A 175 -8.11 14.29 14.14
N ASN A 176 -8.82 13.42 13.44
CA ASN A 176 -9.90 12.65 14.06
C ASN A 176 -10.02 11.30 13.37
N ASN A 177 -10.90 10.46 13.95
CA ASN A 177 -11.16 9.12 13.44
C ASN A 177 -12.56 8.99 12.86
N GLU A 178 -13.10 10.09 12.32
CA GLU A 178 -14.43 10.01 11.72
C GLU A 178 -14.48 9.05 10.54
N TYR A 179 -13.36 8.85 9.85
CA TYR A 179 -13.29 7.83 8.81
C TYR A 179 -13.65 6.46 9.38
N GLN A 180 -12.99 6.07 10.47
CA GLN A 180 -13.24 4.77 11.06
C GLN A 180 -14.66 4.68 11.64
N LYS A 181 -15.17 5.76 12.22
CA LYS A 181 -16.49 5.73 12.81
C LYS A 181 -17.59 5.68 11.76
N ASN A 182 -17.29 6.10 10.53
CA ASN A 182 -18.22 6.18 9.43
C ASN A 182 -18.06 5.02 8.43
N GLY A 183 -17.72 3.84 8.93
CA GLY A 183 -17.60 2.67 8.06
C GLY A 183 -16.46 2.73 7.07
N ASN A 184 -15.33 3.31 7.46
CA ASN A 184 -14.17 3.47 6.57
C ASN A 184 -14.50 4.32 5.35
N GLU A 185 -15.16 5.46 5.60
CA GLU A 185 -15.43 6.46 4.58
C GLU A 185 -15.33 7.83 5.23
N PHE A 186 -14.71 8.77 4.54
CA PHE A 186 -14.66 10.11 5.09
C PHE A 186 -16.06 10.72 5.10
N PRO A 187 -16.39 11.51 6.13
CA PRO A 187 -17.75 12.10 6.20
C PRO A 187 -17.98 13.16 5.13
N SER A 188 -16.91 13.72 4.58
CA SER A 188 -16.94 14.69 3.51
C SER A 188 -15.65 14.51 2.73
N PRO A 189 -15.66 14.76 1.42
CA PRO A 189 -14.39 14.71 0.68
C PRO A 189 -13.42 15.82 1.07
N PHE A 190 -13.92 16.86 1.73
CA PHE A 190 -13.19 18.09 1.96
C PHE A 190 -12.90 18.28 3.45
N GLY A 191 -11.79 18.96 3.71
CA GLY A 191 -11.43 19.32 5.07
C GLY A 191 -11.00 18.20 5.97
N GLN A 192 -10.58 17.07 5.42
CA GLN A 192 -10.21 15.90 6.22
C GLN A 192 -8.72 16.03 6.50
N MET A 193 -8.40 16.55 7.70
CA MET A 193 -7.06 17.00 7.98
C MET A 193 -6.22 15.93 8.66
N TYR A 194 -4.95 15.91 8.29
CA TYR A 194 -3.91 15.14 8.97
C TYR A 194 -2.64 15.97 8.91
N THR A 195 -1.75 15.74 9.87
CA THR A 195 -0.45 16.39 9.85
C THR A 195 0.56 15.43 9.24
N PHE A 196 1.46 16.00 8.45
CA PHE A 196 2.44 15.24 7.71
C PHE A 196 3.84 15.66 8.13
N TRP A 197 4.62 14.70 8.62
CA TRP A 197 6.02 14.91 8.93
C TRP A 197 6.88 14.10 7.97
N LEU A 198 7.92 14.75 7.44
CA LEU A 198 8.95 14.09 6.62
C LEU A 198 10.29 14.69 7.05
N GLU A 199 11.19 13.83 7.53
CA GLU A 199 12.46 14.28 8.10
C GLU A 199 13.16 15.28 7.19
N ASP A 200 13.59 16.40 7.78
CA ASP A 200 14.38 17.44 7.11
C ASP A 200 13.68 17.99 5.87
N ALA A 201 12.35 17.87 5.81
CA ALA A 201 11.61 18.36 4.64
C ALA A 201 10.29 19.04 5.00
N ILE A 202 9.43 18.36 5.74
CA ILE A 202 8.10 18.87 6.06
C ILE A 202 7.90 18.76 7.56
N ASP A 203 7.67 19.90 8.23
CA ASP A 203 7.60 19.96 9.68
C ASP A 203 6.16 19.90 10.18
N ASN A 204 5.60 18.68 10.10
CA ASN A 204 4.33 18.37 10.76
CA ASN A 204 4.33 18.34 10.74
C ASN A 204 3.20 19.26 10.28
N VAL A 205 3.12 19.46 8.97
CA VAL A 205 2.21 20.48 8.42
CA VAL A 205 2.21 20.48 8.42
C VAL A 205 0.82 19.86 8.26
N PRO A 206 -0.23 20.55 8.70
CA PRO A 206 -1.57 20.07 8.42
C PRO A 206 -1.87 20.19 6.94
N GLU A 207 -2.46 19.13 6.41
CA GLU A 207 -2.91 19.12 5.01
C GLU A 207 -4.20 18.31 4.95
N TYR A 208 -4.80 18.24 3.77
CA TYR A 208 -6.10 17.62 3.60
C TYR A 208 -6.05 16.49 2.60
N VAL A 209 -6.85 15.45 2.87
CA VAL A 209 -6.98 14.38 1.89
C VAL A 209 -7.55 14.98 0.60
N ILE A 210 -7.14 14.43 -0.54
CA ILE A 210 -7.74 14.76 -1.84
C ILE A 210 -8.27 13.46 -2.43
N PRO A 211 -9.50 13.05 -2.07
CA PRO A 211 -10.04 11.77 -2.56
C PRO A 211 -10.09 11.81 -4.08
N PHE A 212 -9.41 10.85 -4.70
CA PHE A 212 -9.18 10.98 -6.15
C PHE A 212 -10.50 10.98 -6.91
N GLU A 213 -11.47 10.20 -6.45
CA GLU A 213 -12.75 10.13 -7.16
C GLU A 213 -13.48 11.46 -7.13
N SER A 214 -13.33 12.22 -6.05
CA SER A 214 -13.99 13.52 -5.95
C SER A 214 -13.26 14.56 -6.79
N PHE A 215 -11.93 14.57 -6.71
CA PHE A 215 -11.12 15.39 -7.62
C PHE A 215 -11.51 15.13 -9.07
N ARG A 216 -11.60 13.86 -9.46
CA ARG A 216 -11.92 13.53 -10.85
C ARG A 216 -13.33 13.97 -11.22
N SER A 217 -14.30 13.71 -10.34
N SER A 217 -14.31 13.73 -10.34
CA SER A 217 -15.68 14.11 -10.63
CA SER A 217 -15.69 14.11 -10.69
C SER A 217 -15.78 15.62 -10.76
C SER A 217 -15.82 15.63 -10.76
N LEU A 218 -15.18 16.35 -9.83
CA LEU A 218 -15.21 17.81 -9.90
C LEU A 218 -14.55 18.31 -11.19
N ALA A 219 -13.36 17.78 -11.51
CA ALA A 219 -12.68 18.20 -12.73
C ALA A 219 -13.57 17.99 -13.95
N ASP A 220 -14.32 16.89 -14.00
CA ASP A 220 -15.19 16.63 -15.14
C ASP A 220 -16.28 17.69 -15.25
N GLU A 221 -16.84 18.09 -14.11
CA GLU A 221 -17.84 19.16 -14.10
C GLU A 221 -17.29 20.43 -14.75
N TYR A 222 -16.01 20.71 -14.54
CA TYR A 222 -15.39 21.92 -15.09
C TYR A 222 -14.76 21.69 -16.45
N GLY A 223 -14.96 20.54 -17.07
CA GLY A 223 -14.56 20.31 -18.44
C GLY A 223 -13.23 19.65 -18.66
N MET A 224 -12.68 18.97 -17.66
CA MET A 224 -11.38 18.32 -17.74
C MET A 224 -11.57 16.83 -17.52
N GLU A 225 -10.93 16.02 -18.35
CA GLU A 225 -11.07 14.56 -18.33
C GLU A 225 -9.73 13.91 -18.01
N LEU A 226 -9.82 12.74 -17.38
CA LEU A 226 -8.64 12.15 -16.78
C LEU A 226 -7.66 11.64 -17.84
N GLU A 227 -6.38 11.95 -17.61
CA GLU A 227 -5.30 11.46 -18.45
C GLU A 227 -4.32 10.55 -17.73
N LEU A 228 -4.15 10.69 -16.42
CA LEU A 228 -3.11 9.99 -15.69
C LEU A 228 -3.47 9.93 -14.22
N GLN A 229 -3.29 8.75 -13.64
CA GLN A 229 -3.46 8.61 -12.19
C GLN A 229 -2.50 7.59 -11.58
N LYS A 230 -1.31 7.43 -12.17
CA LYS A 230 -0.38 6.40 -11.72
C LYS A 230 0.36 6.84 -10.47
N GLY A 231 0.40 5.96 -9.46
CA GLY A 231 1.25 6.20 -8.32
C GLY A 231 2.71 6.33 -8.72
N PHE A 232 3.51 6.95 -7.85
CA PHE A 232 4.90 7.22 -8.22
C PHE A 232 5.64 5.92 -8.61
N ASN A 233 5.42 4.84 -7.88
CA ASN A 233 6.14 3.61 -8.15
C ASN A 233 5.85 3.11 -9.55
N GLU A 234 4.55 2.98 -9.88
CA GLU A 234 4.16 2.47 -11.20
C GLU A 234 4.63 3.42 -12.29
N PHE A 235 4.46 4.73 -12.07
CA PHE A 235 4.89 5.71 -13.05
C PHE A 235 6.38 5.55 -13.33
N PHE A 236 7.19 5.52 -12.26
CA PHE A 236 8.63 5.39 -12.43
C PHE A 236 9.02 4.11 -13.17
N VAL A 237 8.47 2.97 -12.74
CA VAL A 237 8.79 1.69 -13.38
C VAL A 237 8.51 1.75 -14.87
N GLU A 238 7.40 2.37 -15.25
CA GLU A 238 7.01 2.41 -16.65
C GLU A 238 7.86 3.37 -17.46
N GLU A 239 8.29 4.49 -16.88
CA GLU A 239 8.95 5.54 -17.64
C GLU A 239 10.46 5.48 -17.59
N ILE A 240 11.05 4.87 -16.57
CA ILE A 240 12.50 4.91 -16.40
C ILE A 240 13.29 4.31 -17.56
N PRO A 241 12.80 3.31 -18.29
CA PRO A 241 13.59 2.83 -19.45
C PRO A 241 13.94 3.93 -20.44
N ASN A 242 13.00 4.82 -20.72
CA ASN A 242 13.20 5.90 -21.71
C ASN A 242 14.09 6.98 -21.11
N TRP A 243 14.26 6.99 -19.80
CA TRP A 243 14.95 8.10 -19.10
C TRP A 243 16.25 7.71 -18.45
N VAL A 244 16.49 6.42 -18.18
CA VAL A 244 17.69 5.96 -17.45
C VAL A 244 18.83 6.82 -18.02
N ASN A 245 19.04 6.82 -19.33
CA ASN A 245 20.17 7.54 -19.98
C ASN A 245 19.90 9.02 -20.33
N ARG A 246 18.67 9.53 -20.14
CA ARG A 246 18.35 10.96 -20.35
C ARG A 246 18.76 11.76 -19.10
N PHE A 247 18.80 11.12 -17.94
CA PHE A 247 19.10 11.80 -16.65
C PHE A 247 20.55 12.19 -16.57
N SER A 248 20.86 13.21 -15.77
CA SER A 248 22.22 13.60 -15.47
C SER A 248 22.95 12.43 -14.81
N PRO A 249 24.26 12.32 -15.02
CA PRO A 249 25.01 11.26 -14.31
C PRO A 249 24.75 11.25 -12.82
N LYS A 250 24.63 12.44 -12.20
CA LYS A 250 24.41 12.50 -10.76
C LYS A 250 23.02 12.00 -10.39
N MET A 251 21.99 12.36 -11.16
CA MET A 251 20.66 11.86 -10.86
C MET A 251 20.59 10.36 -11.10
N ARG A 252 21.27 9.86 -12.13
CA ARG A 252 21.23 8.44 -12.43
C ARG A 252 21.88 7.62 -11.32
N GLU A 253 23.08 8.02 -10.89
CA GLU A 253 23.73 7.29 -9.81
C GLU A 253 22.91 7.38 -8.53
N GLY A 254 22.25 8.51 -8.29
CA GLY A 254 21.39 8.61 -7.12
C GLY A 254 20.23 7.64 -7.16
N LEU A 255 19.74 7.32 -8.37
CA LEU A 255 18.61 6.41 -8.53
C LEU A 255 19.01 4.93 -8.50
N LYS A 256 20.31 4.63 -8.48
CA LYS A 256 20.76 3.25 -8.54
C LYS A 256 20.60 2.57 -7.18
N ARG A 257 19.96 1.39 -7.19
CA ARG A 257 19.80 0.59 -5.99
C ARG A 257 20.99 -0.36 -5.83
N SER A 258 21.01 -1.06 -4.69
CA SER A 258 22.10 -1.97 -4.39
C SER A 258 22.20 -3.11 -5.40
N ASP A 259 21.08 -3.48 -6.03
CA ASP A 259 21.07 -4.53 -7.03
C ASP A 259 21.39 -4.00 -8.43
N GLY A 260 21.78 -2.73 -8.54
CA GLY A 260 22.17 -2.16 -9.82
C GLY A 260 21.04 -1.64 -10.66
N ARG A 261 19.79 -1.90 -10.28
CA ARG A 261 18.63 -1.39 -11.01
C ARG A 261 18.24 -0.05 -10.42
N TYR A 262 17.18 0.56 -10.95
CA TYR A 262 16.85 1.93 -10.63
C TYR A 262 15.58 2.04 -9.80
N GLY A 263 15.57 3.02 -8.90
CA GLY A 263 14.41 3.31 -8.08
C GLY A 263 14.77 3.61 -6.65
N VAL A 264 13.90 3.22 -5.71
CA VAL A 264 14.14 3.43 -4.28
C VAL A 264 13.98 2.09 -3.58
N GLU A 265 14.76 1.92 -2.52
CA GLU A 265 14.75 0.75 -1.65
C GLU A 265 14.89 1.27 -0.23
N GLY A 266 14.53 0.44 0.75
CA GLY A 266 14.77 0.85 2.12
C GLY A 266 13.68 1.74 2.70
N VAL A 267 14.03 2.47 3.76
CA VAL A 267 12.97 3.12 4.54
C VAL A 267 12.26 4.17 3.72
N GLU A 268 12.95 4.80 2.78
CA GLU A 268 12.32 5.85 1.97
C GLU A 268 11.31 5.30 0.97
N LYS A 269 11.22 3.99 0.79
CA LYS A 269 10.38 3.48 -0.29
C LYS A 269 8.92 3.85 -0.07
N GLU A 270 8.38 3.64 1.16
CA GLU A 270 6.96 3.91 1.37
C GLU A 270 6.62 5.37 1.12
N PRO A 271 7.27 6.34 1.76
CA PRO A 271 6.87 7.74 1.49
C PRO A 271 7.17 8.19 0.08
N ALA A 272 8.28 7.72 -0.52
CA ALA A 272 8.60 8.20 -1.87
C ALA A 272 7.74 7.53 -2.93
N ALA A 273 7.56 6.21 -2.86
CA ALA A 273 6.98 5.42 -3.94
C ALA A 273 5.50 5.12 -3.78
N TYR A 274 4.98 5.07 -2.56
CA TYR A 274 3.58 4.68 -2.32
CA TYR A 274 3.58 4.70 -2.35
C TYR A 274 2.71 5.85 -1.87
N PHE A 275 3.25 6.78 -1.09
CA PHE A 275 2.39 7.82 -0.50
C PHE A 275 1.85 8.81 -1.53
N TYR A 276 2.54 9.01 -2.64
CA TYR A 276 2.15 10.02 -3.62
C TYR A 276 1.75 9.39 -4.94
N THR A 277 0.86 10.08 -5.66
CA THR A 277 0.46 9.74 -7.01
C THR A 277 0.66 10.92 -7.95
N THR A 278 0.94 10.60 -9.22
CA THR A 278 0.82 11.59 -10.28
C THR A 278 -0.66 11.79 -10.62
N PHE A 279 -0.97 12.96 -11.20
CA PHE A 279 -2.26 13.16 -11.83
C PHE A 279 -2.08 13.97 -13.11
N ALA A 280 -2.99 13.76 -14.06
CA ALA A 280 -3.09 14.71 -15.17
C ALA A 280 -4.51 14.62 -15.74
N PHE A 281 -4.97 15.75 -16.28
CA PHE A 281 -6.23 15.88 -16.96
C PHE A 281 -6.00 16.70 -18.23
N ARG A 282 -6.94 16.56 -19.16
CA ARG A 282 -6.97 17.39 -20.36
C ARG A 282 -8.26 18.21 -20.37
N LYS A 283 -8.15 19.49 -20.70
CA LYS A 283 -9.33 20.34 -20.85
C LYS A 283 -9.95 20.02 -22.21
N VAL A 284 -11.19 19.53 -22.22
CA VAL A 284 -11.82 19.08 -23.47
C VAL A 284 -12.96 19.96 -23.91
N ARG A 285 -13.47 20.83 -23.05
CA ARG A 285 -14.58 21.69 -23.42
C ARG A 285 -14.47 22.96 -22.60
N ASP A 286 -15.09 24.02 -23.11
CA ASP A 286 -15.20 25.26 -22.38
C ASP A 286 -16.25 25.12 -21.28
N TYR A 287 -15.98 25.73 -20.14
CA TYR A 287 -16.92 25.78 -19.03
C TYR A 287 -17.53 27.17 -18.97
N GLN A 288 -18.85 27.25 -18.85
CA GLN A 288 -19.54 28.53 -18.73
C GLN A 288 -19.21 29.19 -17.39
N SER B 1 19.45 -13.37 -1.77
CA SER B 1 18.51 -13.02 -2.85
C SER B 1 17.21 -12.49 -2.25
N PRO B 2 16.44 -11.76 -3.05
CA PRO B 2 15.13 -11.32 -2.53
C PRO B 2 14.24 -12.45 -2.00
N ILE B 3 14.15 -13.59 -2.68
CA ILE B 3 13.23 -14.61 -2.19
C ILE B 3 13.74 -15.23 -0.90
N ILE B 4 15.06 -15.37 -0.77
CA ILE B 4 15.64 -15.87 0.48
C ILE B 4 15.30 -14.93 1.62
N LYS B 5 15.44 -13.62 1.38
CA LYS B 5 15.10 -12.64 2.41
C LYS B 5 13.60 -12.67 2.74
N LEU B 6 12.76 -12.84 1.72
CA LEU B 6 11.32 -12.94 1.98
C LEU B 6 11.00 -14.19 2.80
N ARG B 7 11.58 -15.34 2.44
CA ARG B 7 11.30 -16.56 3.20
C ARG B 7 11.72 -16.40 4.65
N ASN B 8 12.87 -15.78 4.89
CA ASN B 8 13.34 -15.57 6.27
C ASN B 8 12.44 -14.59 7.02
N PHE B 9 12.02 -13.52 6.36
CA PHE B 9 11.12 -12.57 7.04
C PHE B 9 9.78 -13.19 7.36
N ASN B 10 9.20 -13.96 6.43
CA ASN B 10 7.90 -14.57 6.69
C ASN B 10 8.02 -15.68 7.73
N ASN B 11 9.15 -16.39 7.75
CA ASN B 11 9.39 -17.32 8.85
C ASN B 11 9.45 -16.62 10.18
N ALA B 12 10.10 -15.45 10.23
CA ALA B 12 10.13 -14.65 11.46
C ALA B 12 8.72 -14.22 11.88
N ILE B 13 7.91 -13.76 10.92
CA ILE B 13 6.52 -13.40 11.23
C ILE B 13 5.82 -14.59 11.90
N LYS B 14 6.01 -15.79 11.36
CA LYS B 14 5.33 -16.96 11.90
C LYS B 14 5.85 -17.32 13.29
N TYR B 15 7.15 -17.19 13.51
CA TYR B 15 7.68 -17.42 14.86
C TYR B 15 7.00 -16.48 15.85
N ILE B 16 6.91 -15.20 15.50
CA ILE B 16 6.33 -14.23 16.41
C ILE B 16 4.86 -14.51 16.64
N LEU B 17 4.14 -14.80 15.56
CA LEU B 17 2.71 -15.02 15.65
C LEU B 17 2.39 -16.28 16.46
N ILE B 18 3.06 -17.38 16.17
CA ILE B 18 2.86 -18.61 16.94
C ILE B 18 3.13 -18.33 18.42
N ASP B 19 4.26 -17.69 18.73
CA ASP B 19 4.60 -17.41 20.13
C ASP B 19 3.56 -16.50 20.79
N LYS B 20 3.01 -15.56 20.03
CA LYS B 20 2.07 -14.59 20.59
C LYS B 20 0.86 -15.27 21.20
N PHE B 21 0.37 -16.35 20.58
CA PHE B 21 -0.89 -16.95 20.99
C PHE B 21 -0.76 -18.33 21.60
N THR B 22 0.39 -19.01 21.43
CA THR B 22 0.53 -20.41 21.81
C THR B 22 1.39 -20.51 23.07
N ARG B 23 0.92 -21.28 24.04
CA ARG B 23 1.51 -21.39 25.36
C ARG B 23 1.87 -22.83 25.69
N ALA B 24 2.75 -23.00 26.69
CA ALA B 24 3.21 -24.33 27.05
C ALA B 24 2.03 -25.22 27.41
N GLY B 25 2.02 -26.42 26.84
CA GLY B 25 0.97 -27.40 27.07
C GLY B 25 -0.17 -27.34 26.07
N ASP B 26 -0.21 -26.33 25.20
CA ASP B 26 -1.32 -26.22 24.27
C ASP B 26 -1.34 -27.38 23.27
N VAL B 27 -2.55 -27.72 22.85
CA VAL B 27 -2.80 -28.60 21.72
C VAL B 27 -3.13 -27.74 20.51
N VAL B 28 -2.40 -27.97 19.42
CA VAL B 28 -2.51 -27.17 18.19
C VAL B 28 -3.07 -28.04 17.08
N LEU B 29 -4.09 -27.52 16.39
CA LEU B 29 -4.55 -28.04 15.10
C LEU B 29 -4.10 -27.07 14.03
N GLU B 30 -3.30 -27.54 13.08
CA GLU B 30 -2.84 -26.71 11.98
C GLU B 30 -3.57 -27.17 10.72
N LEU B 31 -4.48 -26.33 10.24
CA LEU B 31 -5.17 -26.57 8.99
C LEU B 31 -4.29 -26.27 7.79
N ALA B 32 -4.41 -27.07 6.74
CA ALA B 32 -3.67 -26.88 5.50
C ALA B 32 -2.17 -26.71 5.76
N CYS B 33 -1.63 -27.63 6.56
CA CYS B 33 -0.27 -27.52 7.07
C CYS B 33 0.79 -27.72 6.00
N GLY B 34 0.42 -28.11 4.79
CA GLY B 34 1.42 -28.35 3.77
C GLY B 34 2.49 -29.32 4.23
N LYS B 35 3.74 -28.95 3.96
CA LYS B 35 4.90 -29.79 4.21
C LYS B 35 5.40 -29.70 5.66
N GLY B 36 4.62 -29.08 6.55
CA GLY B 36 4.91 -29.19 7.97
C GLY B 36 6.14 -28.42 8.42
N GLY B 37 6.37 -27.25 7.85
CA GLY B 37 7.57 -26.51 8.12
C GLY B 37 7.65 -25.75 9.43
N ASP B 38 6.61 -25.76 10.26
CA ASP B 38 6.60 -24.94 11.47
C ASP B 38 6.75 -25.74 12.76
N LEU B 39 7.08 -27.03 12.68
CA LEU B 39 7.15 -27.85 13.88
CA LEU B 39 7.15 -27.84 13.89
C LEU B 39 8.09 -27.26 14.92
N ARG B 40 9.25 -26.73 14.50
CA ARG B 40 10.18 -26.19 15.49
C ARG B 40 9.63 -24.92 16.14
N LYS B 41 8.72 -24.20 15.48
CA LYS B 41 8.15 -23.01 16.08
C LYS B 41 7.19 -23.40 17.18
N TYR B 42 6.40 -24.44 16.96
CA TYR B 42 5.51 -24.94 18.02
C TYR B 42 6.32 -25.54 19.16
N GLY B 43 7.43 -26.21 18.84
CA GLY B 43 8.30 -26.72 19.90
C GLY B 43 8.88 -25.63 20.77
N ALA B 44 9.28 -24.51 20.17
CA ALA B 44 9.78 -23.39 20.96
C ALA B 44 8.73 -22.91 21.96
N ALA B 45 7.45 -22.98 21.58
CA ALA B 45 6.35 -22.58 22.44
C ALA B 45 5.97 -23.63 23.46
N GLY B 46 6.50 -24.84 23.35
CA GLY B 46 6.29 -25.83 24.37
C GLY B 46 4.97 -26.55 24.32
N ILE B 47 4.40 -26.72 23.12
CA ILE B 47 3.13 -27.42 23.00
C ILE B 47 3.24 -28.87 23.44
N SER B 48 2.07 -29.45 23.74
CA SER B 48 1.97 -30.86 24.11
C SER B 48 1.58 -31.77 22.97
N GLN B 49 0.81 -31.29 21.98
CA GLN B 49 0.39 -32.13 20.86
C GLN B 49 0.17 -31.24 19.64
N PHE B 50 0.58 -31.73 18.47
CA PHE B 50 0.39 -31.06 17.19
C PHE B 50 -0.40 -32.01 16.30
N ILE B 51 -1.44 -31.49 15.65
CA ILE B 51 -2.22 -32.23 14.67
C ILE B 51 -2.19 -31.37 13.42
N GLY B 52 -1.60 -31.88 12.34
CA GLY B 52 -1.52 -31.17 11.07
C GLY B 52 -2.32 -31.94 10.01
N ILE B 53 -3.16 -31.19 9.29
CA ILE B 53 -4.02 -31.78 8.26
C ILE B 53 -3.80 -31.02 6.95
N ASP B 54 -3.64 -31.77 5.85
CA ASP B 54 -3.53 -31.12 4.55
C ASP B 54 -4.22 -32.01 3.53
N ILE B 55 -4.79 -31.40 2.49
CA ILE B 55 -5.49 -32.19 1.47
C ILE B 55 -4.54 -32.99 0.59
N SER B 56 -3.26 -32.62 0.53
CA SER B 56 -2.31 -33.25 -0.38
C SER B 56 -1.52 -34.34 0.33
N ASN B 57 -1.67 -35.57 -0.17
N ASN B 57 -1.71 -35.58 -0.15
CA ASN B 57 -0.89 -36.70 0.34
CA ASN B 57 -0.89 -36.68 0.34
C ASN B 57 0.60 -36.52 0.08
C ASN B 57 0.59 -36.39 0.15
N ALA B 58 0.98 -35.88 -1.03
CA ALA B 58 2.39 -35.63 -1.29
C ALA B 58 2.99 -34.73 -0.21
N SER B 59 2.26 -33.68 0.19
CA SER B 59 2.78 -32.75 1.20
C SER B 59 2.85 -33.41 2.56
N ILE B 60 1.85 -34.19 2.93
CA ILE B 60 1.88 -34.88 4.22
C ILE B 60 3.03 -35.87 4.27
N THR B 61 3.34 -36.51 3.13
CA THR B 61 4.48 -37.43 3.07
C THR B 61 5.78 -36.69 3.37
N GLU B 62 5.94 -35.49 2.81
CA GLU B 62 7.12 -34.69 3.10
C GLU B 62 7.13 -34.20 4.55
N ALA B 63 5.98 -33.80 5.08
CA ALA B 63 5.92 -33.38 6.48
C ALA B 63 6.36 -34.50 7.39
N LEU B 64 5.93 -35.73 7.08
CA LEU B 64 6.31 -36.88 7.90
C LEU B 64 7.81 -37.12 7.81
N LYS B 65 8.39 -36.97 6.62
CA LYS B 65 9.83 -37.16 6.45
C LYS B 65 10.61 -36.14 7.26
N ARG B 66 10.17 -34.89 7.26
CA ARG B 66 10.80 -33.88 8.10
C ARG B 66 10.62 -34.23 9.57
N TYR B 67 9.40 -34.59 9.97
CA TYR B 67 9.16 -35.00 11.35
C TYR B 67 10.10 -36.12 11.76
N HIS B 68 10.17 -37.20 10.96
CA HIS B 68 10.95 -38.36 11.38
C HIS B 68 12.45 -38.09 11.41
N SER B 69 12.91 -37.02 10.75
CA SER B 69 14.33 -36.67 10.77
C SER B 69 14.74 -35.88 12.01
N MET B 70 13.77 -35.41 12.80
CA MET B 70 14.05 -34.57 14.01
C MET B 70 14.36 -35.47 15.21
N LYS B 71 14.91 -34.90 16.29
CA LYS B 71 15.36 -35.77 17.41
C LYS B 71 14.72 -35.57 18.80
N ASN B 72 15.06 -34.50 19.52
CA ASN B 72 14.62 -34.41 20.95
C ASN B 72 13.24 -33.81 21.19
N LEU B 73 12.19 -34.32 20.53
CA LEU B 73 10.84 -33.71 20.57
C LEU B 73 10.10 -34.03 21.87
N GLU B 74 9.67 -32.98 22.58
CA GLU B 74 8.88 -33.08 23.79
C GLU B 74 7.39 -33.22 23.52
N TYR B 75 6.96 -33.23 22.26
CA TYR B 75 5.55 -33.20 21.92
CA TYR B 75 5.54 -33.23 21.96
C TYR B 75 5.20 -34.25 20.88
N GLN B 76 3.94 -34.70 20.93
CA GLN B 76 3.41 -35.69 19.99
C GLN B 76 2.96 -35.01 18.70
N VAL B 77 3.18 -35.68 17.58
CA VAL B 77 2.87 -35.16 16.25
C VAL B 77 1.96 -36.14 15.53
N ILE B 78 0.87 -35.63 14.99
CA ILE B 78 -0.08 -36.37 14.16
C ILE B 78 -0.18 -35.60 12.85
N LEU B 79 0.06 -36.29 11.73
CA LEU B 79 -0.01 -35.68 10.41
C LEU B 79 -0.95 -36.51 9.55
N ILE B 80 -2.01 -35.87 9.02
CA ILE B 80 -3.17 -36.51 8.43
C ILE B 80 -3.44 -35.88 7.08
N THR B 81 -3.82 -36.68 6.09
CA THR B 81 -4.37 -36.15 4.86
C THR B 81 -5.89 -36.01 4.99
N GLY B 82 -6.40 -34.83 4.71
CA GLY B 82 -7.81 -34.56 4.80
C GLY B 82 -8.18 -33.19 4.27
N ASP B 83 -9.47 -33.05 3.97
CA ASP B 83 -10.06 -31.80 3.51
C ASP B 83 -10.51 -30.98 4.71
N CYS B 84 -9.91 -29.79 4.86
CA CYS B 84 -10.19 -28.94 6.00
C CYS B 84 -11.26 -27.89 5.73
N PHE B 85 -11.64 -27.68 4.48
CA PHE B 85 -12.50 -26.57 4.09
C PHE B 85 -13.80 -27.00 3.39
N GLY B 86 -13.80 -28.10 2.66
CA GLY B 86 -14.98 -28.52 1.92
C GLY B 86 -15.78 -29.64 2.55
N GLU B 87 -15.34 -30.14 3.70
CA GLU B 87 -16.00 -31.25 4.37
C GLU B 87 -15.80 -31.07 5.87
N SER B 88 -16.69 -31.68 6.63
CA SER B 88 -16.53 -31.72 8.08
C SER B 88 -15.22 -32.40 8.44
N LEU B 89 -14.55 -31.88 9.48
CA LEU B 89 -13.28 -32.46 9.90
C LEU B 89 -13.43 -33.84 10.48
N GLY B 90 -14.62 -34.21 10.96
CA GLY B 90 -14.80 -35.56 11.48
C GLY B 90 -14.43 -36.63 10.47
N VAL B 91 -14.67 -36.37 9.19
CA VAL B 91 -14.25 -37.30 8.15
C VAL B 91 -12.74 -37.54 8.23
N ALA B 92 -11.97 -36.47 8.42
CA ALA B 92 -10.51 -36.59 8.35
C ALA B 92 -9.93 -37.27 9.59
N VAL B 93 -10.49 -37.02 10.77
CA VAL B 93 -9.80 -37.33 12.02
C VAL B 93 -10.23 -38.62 12.68
N GLU B 94 -11.26 -39.30 12.17
CA GLU B 94 -11.84 -40.40 12.94
C GLU B 94 -10.97 -41.65 12.95
N SER B 95 -10.12 -41.84 11.94
CA SER B 95 -9.13 -42.91 11.99
C SER B 95 -7.92 -42.53 12.83
N PHE B 96 -7.93 -41.35 13.47
CA PHE B 96 -6.86 -40.90 14.35
C PHE B 96 -7.45 -40.52 15.70
N PRO B 97 -7.90 -41.51 16.47
CA PRO B 97 -8.50 -41.23 17.78
C PRO B 97 -7.54 -40.63 18.80
N GLU B 98 -6.23 -40.71 18.56
CA GLU B 98 -5.28 -40.12 19.50
C GLU B 98 -5.27 -38.59 19.46
N CYS B 99 -5.96 -37.98 18.49
CA CYS B 99 -6.14 -36.53 18.51
C CYS B 99 -6.87 -36.13 19.80
N ARG B 100 -6.38 -35.08 20.44
CA ARG B 100 -7.01 -34.56 21.66
C ARG B 100 -7.84 -33.34 21.25
N PHE B 101 -9.12 -33.58 20.98
CA PHE B 101 -10.06 -32.50 20.62
C PHE B 101 -11.08 -32.32 21.74
N PRO B 102 -11.56 -31.09 21.96
CA PRO B 102 -11.16 -29.83 21.33
C PRO B 102 -9.75 -29.38 21.70
N CYS B 103 -9.17 -28.49 20.91
N CYS B 103 -9.18 -28.51 20.85
CA CYS B 103 -7.81 -28.05 21.06
CA CYS B 103 -7.81 -28.04 20.96
C CYS B 103 -7.76 -26.57 21.44
C CYS B 103 -7.78 -26.68 21.65
N ASP B 104 -6.56 -26.14 21.81
CA ASP B 104 -6.38 -24.79 22.36
C ASP B 104 -6.12 -23.75 21.29
N ILE B 105 -5.59 -24.18 20.15
CA ILE B 105 -5.15 -23.32 19.07
C ILE B 105 -5.53 -23.98 17.76
N VAL B 106 -6.06 -23.20 16.83
CA VAL B 106 -6.14 -23.60 15.42
C VAL B 106 -5.31 -22.57 14.64
N SER B 107 -4.41 -23.04 13.80
CA SER B 107 -3.60 -22.13 13.00
C SER B 107 -3.72 -22.50 11.53
N CYS B 108 -3.42 -21.54 10.68
CA CYS B 108 -3.50 -21.79 9.24
C CYS B 108 -2.64 -20.74 8.53
N GLN B 109 -1.56 -21.19 7.89
CA GLN B 109 -0.61 -20.28 7.25
C GLN B 109 -0.76 -20.32 5.72
N PHE B 110 -0.90 -19.14 5.13
CA PHE B 110 -0.88 -19.00 3.68
C PHE B 110 -1.81 -19.99 3.01
N ALA B 111 -3.01 -20.15 3.54
CA ALA B 111 -3.95 -21.09 2.96
C ALA B 111 -5.42 -20.80 3.16
N LEU B 112 -5.79 -19.98 4.15
CA LEU B 112 -7.21 -19.87 4.47
C LEU B 112 -8.02 -19.26 3.34
N HIS B 113 -7.38 -18.48 2.49
CA HIS B 113 -8.07 -17.86 1.38
C HIS B 113 -8.59 -18.89 0.38
N TYR B 114 -8.03 -20.11 0.36
CA TYR B 114 -8.60 -21.16 -0.49
C TYR B 114 -10.01 -21.53 -0.05
N ALA B 115 -10.33 -21.33 1.24
CA ALA B 115 -11.68 -21.57 1.71
C ALA B 115 -12.67 -20.54 1.18
N PHE B 116 -12.19 -19.43 0.64
CA PHE B 116 -13.08 -18.40 0.10
C PHE B 116 -13.47 -18.67 -1.34
N GLU B 117 -13.18 -19.87 -1.86
CA GLU B 117 -13.67 -20.25 -3.18
C GLU B 117 -15.18 -20.08 -3.31
N THR B 118 -15.93 -20.44 -2.26
CA THR B 118 -17.38 -20.30 -2.24
C THR B 118 -17.80 -19.95 -0.81
N GLU B 119 -19.01 -19.44 -0.66
CA GLU B 119 -19.54 -19.20 0.68
C GLU B 119 -19.68 -20.51 1.45
N GLU B 120 -20.11 -21.58 0.78
CA GLU B 120 -20.27 -22.86 1.46
C GLU B 120 -18.96 -23.30 2.10
N LYS B 121 -17.86 -23.17 1.35
CA LYS B 121 -16.54 -23.61 1.84
C LYS B 121 -16.04 -22.65 2.94
N ALA B 122 -16.31 -21.36 2.85
CA ALA B 122 -15.85 -20.45 3.90
C ALA B 122 -16.55 -20.79 5.22
N ARG B 123 -17.86 -21.07 5.16
CA ARG B 123 -18.61 -21.39 6.35
C ARG B 123 -18.28 -22.79 6.86
N ARG B 124 -18.02 -23.74 5.97
CA ARG B 124 -17.58 -25.06 6.42
C ARG B 124 -16.24 -24.96 7.15
N MET B 125 -15.32 -24.16 6.62
CA MET B 125 -14.05 -23.92 7.28
C MET B 125 -14.27 -23.36 8.68
N LEU B 126 -15.18 -22.40 8.82
CA LEU B 126 -15.38 -21.78 10.12
C LEU B 126 -16.05 -22.73 11.10
N LEU B 127 -17.00 -23.53 10.64
CA LEU B 127 -17.57 -24.58 11.48
C LEU B 127 -16.51 -25.56 11.95
N ASN B 128 -15.58 -25.93 11.06
CA ASN B 128 -14.52 -26.85 11.46
C ASN B 128 -13.62 -26.22 12.52
N VAL B 129 -13.32 -24.93 12.39
CA VAL B 129 -12.49 -24.23 13.39
C VAL B 129 -13.19 -24.22 14.74
N VAL B 130 -14.43 -23.71 14.78
CA VAL B 130 -15.04 -23.54 16.09
C VAL B 130 -15.40 -24.88 16.73
N LYS B 131 -15.75 -25.89 15.93
CA LYS B 131 -16.01 -27.19 16.52
C LYS B 131 -14.73 -27.82 17.09
N SER B 132 -13.56 -27.43 16.60
CA SER B 132 -12.32 -28.00 17.10
C SER B 132 -11.77 -27.27 18.31
N LEU B 133 -12.14 -26.00 18.47
CA LEU B 133 -11.47 -25.08 19.40
C LEU B 133 -12.24 -24.96 20.71
N LYS B 134 -11.50 -24.92 21.83
CA LYS B 134 -12.13 -24.65 23.11
C LYS B 134 -12.59 -23.19 23.20
N ILE B 135 -13.67 -22.97 23.97
CA ILE B 135 -14.04 -21.61 24.33
C ILE B 135 -12.86 -20.97 25.03
N GLY B 136 -12.49 -19.78 24.59
CA GLY B 136 -11.32 -19.06 25.03
C GLY B 136 -10.08 -19.32 24.23
N GLY B 137 -10.11 -20.29 23.30
CA GLY B 137 -8.95 -20.54 22.49
C GLY B 137 -8.82 -19.58 21.33
N TYR B 138 -7.70 -19.71 20.61
CA TYR B 138 -7.36 -18.79 19.54
C TYR B 138 -7.19 -19.45 18.18
N PHE B 139 -7.56 -18.70 17.15
CA PHE B 139 -7.48 -19.08 15.73
C PHE B 139 -6.64 -18.00 15.05
N PHE B 140 -5.50 -18.38 14.48
CA PHE B 140 -4.57 -17.38 13.93
C PHE B 140 -3.92 -17.91 12.66
N GLY B 141 -3.32 -16.98 11.92
CA GLY B 141 -2.66 -17.36 10.67
C GLY B 141 -2.26 -16.15 9.85
N THR B 142 -2.01 -16.41 8.57
CA THR B 142 -1.43 -15.45 7.63
C THR B 142 -2.17 -15.58 6.31
N ILE B 143 -2.63 -14.46 5.76
CA ILE B 143 -3.42 -14.47 4.53
C ILE B 143 -2.99 -13.31 3.66
N PRO B 144 -3.29 -13.38 2.36
CA PRO B 144 -3.15 -12.17 1.54
C PRO B 144 -4.07 -11.09 2.09
N ASP B 145 -3.59 -9.85 2.04
CA ASP B 145 -4.27 -8.70 2.62
C ASP B 145 -5.20 -8.08 1.59
N SER B 146 -6.50 -8.29 1.78
CA SER B 146 -7.51 -7.74 0.87
C SER B 146 -7.43 -6.22 0.77
N GLU B 147 -6.95 -5.53 1.79
CA GLU B 147 -6.89 -4.08 1.76
C GLU B 147 -5.75 -3.59 0.88
N PHE B 148 -4.63 -4.32 0.84
CA PHE B 148 -3.56 -3.97 -0.10
C PHE B 148 -3.97 -4.34 -1.52
N ILE B 149 -4.64 -5.47 -1.70
CA ILE B 149 -5.18 -5.85 -3.01
C ILE B 149 -6.12 -4.76 -3.52
N ARG B 150 -7.02 -4.28 -2.68
CA ARG B 150 -7.95 -3.24 -3.10
C ARG B 150 -7.22 -1.95 -3.50
N TYR B 151 -6.23 -1.54 -2.71
CA TYR B 151 -5.40 -0.39 -3.07
C TYR B 151 -4.85 -0.54 -4.49
N LYS B 152 -4.23 -1.68 -4.77
CA LYS B 152 -3.67 -1.87 -6.10
C LYS B 152 -4.75 -1.92 -7.17
N MET B 153 -5.87 -2.58 -6.89
CA MET B 153 -6.98 -2.65 -7.84
C MET B 153 -7.60 -1.28 -8.12
N ASN B 154 -7.60 -0.38 -7.12
CA ASN B 154 -8.11 0.98 -7.27
C ASN B 154 -7.22 1.83 -8.16
N LYS B 155 -6.01 1.41 -8.49
CA LYS B 155 -5.12 2.13 -9.40
C LYS B 155 -5.10 1.54 -10.80
N ILE B 156 -5.98 0.60 -11.12
CA ILE B 156 -5.97 -0.07 -12.42
C ILE B 156 -7.19 0.38 -13.22
N PRO B 157 -7.01 0.89 -14.44
CA PRO B 157 -8.14 1.33 -15.24
C PRO B 157 -9.04 0.17 -15.65
N GLU B 158 -10.33 0.49 -15.87
CA GLU B 158 -11.30 -0.52 -16.28
C GLU B 158 -10.98 -1.13 -17.63
N SER B 159 -10.16 -0.48 -18.45
CA SER B 159 -9.82 -1.01 -19.76
C SER B 159 -8.94 -2.26 -19.68
N VAL B 160 -8.44 -2.61 -18.49
CA VAL B 160 -7.57 -3.76 -18.32
C VAL B 160 -8.45 -4.97 -18.06
N GLU B 161 -8.45 -5.90 -19.00
CA GLU B 161 -9.33 -7.07 -18.89
C GLU B 161 -8.95 -7.94 -17.71
N LYS B 162 -7.65 -8.07 -17.45
CA LYS B 162 -7.11 -8.95 -16.41
C LYS B 162 -6.21 -8.10 -15.51
N PRO B 163 -6.81 -7.39 -14.55
CA PRO B 163 -6.02 -6.51 -13.68
C PRO B 163 -4.81 -7.22 -13.09
N SER B 164 -3.66 -6.56 -13.20
CA SER B 164 -2.40 -7.18 -12.81
C SER B 164 -1.41 -6.16 -12.28
N TRP B 165 -0.61 -6.59 -11.32
CA TRP B 165 0.51 -5.81 -10.83
C TRP B 165 1.60 -6.77 -10.36
N GLY B 166 2.79 -6.23 -10.13
CA GLY B 166 3.88 -7.05 -9.65
C GLY B 166 5.21 -6.33 -9.70
N ASN B 167 6.27 -7.11 -9.51
CA ASN B 167 7.64 -6.64 -9.66
C ASN B 167 8.48 -7.82 -10.14
N SER B 168 9.80 -7.68 -10.04
CA SER B 168 10.71 -8.70 -10.56
C SER B 168 10.56 -10.06 -9.90
N ILE B 169 9.96 -10.18 -8.71
CA ILE B 169 9.83 -11.48 -8.05
C ILE B 169 8.39 -11.92 -7.84
N TYR B 170 7.37 -11.12 -8.11
CA TYR B 170 6.01 -11.59 -7.87
C TYR B 170 5.04 -10.91 -8.83
N LYS B 171 3.89 -11.54 -9.02
CA LYS B 171 2.87 -11.00 -9.92
C LYS B 171 1.50 -11.53 -9.53
N VAL B 172 0.51 -10.63 -9.53
CA VAL B 172 -0.89 -10.95 -9.30
C VAL B 172 -1.64 -10.67 -10.60
N THR B 173 -2.47 -11.62 -11.05
CA THR B 173 -3.26 -11.44 -12.28
C THR B 173 -4.68 -11.91 -12.03
N PHE B 174 -5.61 -10.95 -11.98
CA PHE B 174 -7.03 -11.29 -11.77
C PHE B 174 -7.65 -11.92 -13.01
N SER B 175 -8.56 -12.88 -12.76
CA SER B 175 -9.27 -13.56 -13.84
C SER B 175 -10.18 -12.61 -14.61
N ASN B 176 -10.75 -11.62 -13.92
CA ASN B 176 -11.61 -10.65 -14.58
C ASN B 176 -11.50 -9.30 -13.88
N ASN B 177 -12.14 -8.30 -14.50
CA ASN B 177 -12.17 -6.92 -14.01
C ASN B 177 -13.54 -6.53 -13.48
N GLU B 178 -14.29 -7.49 -12.94
CA GLU B 178 -15.62 -7.17 -12.41
C GLU B 178 -15.50 -6.21 -11.22
N TYR B 179 -14.38 -6.25 -10.50
CA TYR B 179 -14.13 -5.25 -9.45
C TYR B 179 -14.23 -3.84 -10.01
N GLN B 180 -13.47 -3.55 -11.07
CA GLN B 180 -13.47 -2.22 -11.66
C GLN B 180 -14.81 -1.88 -12.30
N LYS B 181 -15.47 -2.85 -12.92
CA LYS B 181 -16.76 -2.59 -13.54
C LYS B 181 -17.87 -2.35 -12.52
N ASN B 182 -17.67 -2.77 -11.28
CA ASN B 182 -18.66 -2.67 -10.21
C ASN B 182 -18.32 -1.57 -9.20
N GLY B 183 -17.75 -0.47 -9.68
CA GLY B 183 -17.44 0.64 -8.80
C GLY B 183 -16.35 0.40 -7.78
N ASN B 184 -15.36 -0.41 -8.12
CA ASN B 184 -14.28 -0.79 -7.20
C ASN B 184 -14.82 -1.55 -5.99
N GLU B 185 -15.64 -2.57 -6.28
CA GLU B 185 -16.20 -3.46 -5.30
C GLU B 185 -16.29 -4.84 -5.93
N PHE B 186 -15.94 -5.88 -5.18
CA PHE B 186 -16.11 -7.24 -5.70
C PHE B 186 -17.60 -7.58 -5.73
N PRO B 187 -18.07 -8.28 -6.76
CA PRO B 187 -19.51 -8.59 -6.83
C PRO B 187 -19.97 -9.58 -5.80
N SER B 188 -19.05 -10.37 -5.25
CA SER B 188 -19.31 -11.30 -4.16
C SER B 188 -18.02 -11.35 -3.34
N PRO B 189 -18.11 -11.64 -2.04
CA PRO B 189 -16.88 -11.86 -1.26
C PRO B 189 -16.14 -13.13 -1.66
N PHE B 190 -16.82 -14.05 -2.33
CA PHE B 190 -16.31 -15.39 -2.57
C PHE B 190 -16.00 -15.61 -4.04
N GLY B 191 -15.04 -16.48 -4.30
CA GLY B 191 -14.73 -16.89 -5.65
C GLY B 191 -14.07 -15.86 -6.52
N GLN B 192 -13.45 -14.83 -5.96
CA GLN B 192 -12.83 -13.76 -6.75
C GLN B 192 -11.39 -14.18 -6.99
N MET B 193 -11.13 -14.80 -8.14
CA MET B 193 -9.88 -15.48 -8.40
C MET B 193 -8.83 -14.58 -9.03
N TYR B 194 -7.59 -14.79 -8.59
CA TYR B 194 -6.42 -14.26 -9.28
C TYR B 194 -5.30 -15.30 -9.20
N THR B 195 -4.39 -15.27 -10.18
CA THR B 195 -3.23 -16.15 -10.07
C THR B 195 -2.08 -15.40 -9.41
N PHE B 196 -1.29 -16.11 -8.65
CA PHE B 196 -0.22 -15.57 -7.84
C PHE B 196 1.08 -16.24 -8.22
N TRP B 197 2.06 -15.44 -8.66
CA TRP B 197 3.39 -15.92 -8.98
C TRP B 197 4.36 -15.32 -7.95
N LEU B 198 5.20 -16.15 -7.38
CA LEU B 198 6.32 -15.71 -6.53
C LEU B 198 7.53 -16.54 -6.90
N GLU B 199 8.60 -15.86 -7.32
CA GLU B 199 9.82 -16.51 -7.79
C GLU B 199 10.26 -17.64 -6.88
N ASP B 200 10.46 -18.83 -7.46
CA ASP B 200 11.03 -19.97 -6.76
C ASP B 200 10.19 -20.41 -5.58
N ALA B 201 8.89 -20.07 -5.59
CA ALA B 201 8.00 -20.38 -4.48
C ALA B 201 6.61 -20.80 -4.91
N ILE B 202 5.91 -20.00 -5.72
CA ILE B 202 4.53 -20.28 -6.07
C ILE B 202 4.37 -20.11 -7.57
N ASP B 203 3.97 -21.19 -8.26
CA ASP B 203 4.03 -21.25 -9.72
C ASP B 203 2.69 -20.83 -10.34
N ASN B 204 2.37 -19.54 -10.18
CA ASN B 204 1.25 -18.94 -10.90
C ASN B 204 -0.07 -19.60 -10.56
N VAL B 205 -0.29 -19.82 -9.26
N VAL B 205 -0.30 -19.87 -9.27
CA VAL B 205 -1.41 -20.65 -8.78
CA VAL B 205 -1.44 -20.72 -8.94
C VAL B 205 -2.66 -19.81 -8.57
C VAL B 205 -2.64 -19.90 -8.51
N PRO B 206 -3.83 -20.29 -8.97
CA PRO B 206 -5.04 -19.51 -8.70
C PRO B 206 -5.44 -19.57 -7.23
N GLU B 207 -5.86 -18.44 -6.71
CA GLU B 207 -6.35 -18.34 -5.35
C GLU B 207 -7.46 -17.28 -5.31
N TYR B 208 -8.04 -17.07 -4.13
CA TYR B 208 -9.22 -16.21 -4.01
C TYR B 208 -8.96 -15.09 -3.02
N VAL B 209 -9.52 -13.93 -3.31
CA VAL B 209 -9.51 -12.87 -2.31
C VAL B 209 -10.23 -13.34 -1.06
N ILE B 210 -9.75 -12.91 0.10
CA ILE B 210 -10.42 -13.10 1.39
C ILE B 210 -10.69 -11.71 1.96
N PRO B 211 -11.81 -11.09 1.57
CA PRO B 211 -12.12 -9.73 2.06
C PRO B 211 -12.21 -9.74 3.57
N PHE B 212 -11.35 -8.96 4.21
CA PHE B 212 -11.22 -9.12 5.66
C PHE B 212 -12.52 -8.81 6.39
N GLU B 213 -13.28 -7.81 5.93
CA GLU B 213 -14.53 -7.49 6.60
C GLU B 213 -15.53 -8.64 6.56
N SER B 214 -15.50 -9.44 5.49
CA SER B 214 -16.39 -10.59 5.36
C SER B 214 -15.92 -11.73 6.22
N PHE B 215 -14.62 -11.98 6.21
CA PHE B 215 -14.01 -12.96 7.11
C PHE B 215 -14.37 -12.64 8.55
N ARG B 216 -14.22 -11.36 8.95
CA ARG B 216 -14.50 -10.99 10.34
C ARG B 216 -15.98 -11.13 10.67
N SER B 217 -16.86 -10.69 9.77
CA SER B 217 -18.30 -10.79 10.03
CA SER B 217 -18.29 -10.79 10.06
C SER B 217 -18.74 -12.25 10.12
N LEU B 218 -18.25 -13.09 9.21
CA LEU B 218 -18.56 -14.51 9.28
C LEU B 218 -18.04 -15.13 10.58
N ALA B 219 -16.81 -14.81 10.96
CA ALA B 219 -16.25 -15.38 12.18
C ALA B 219 -17.10 -15.02 13.38
N ASP B 220 -17.62 -13.79 13.41
CA ASP B 220 -18.46 -13.38 14.53
C ASP B 220 -19.73 -14.22 14.62
N GLU B 221 -20.29 -14.62 13.48
CA GLU B 221 -21.48 -15.44 13.50
C GLU B 221 -21.22 -16.77 14.19
N TYR B 222 -19.98 -17.25 14.16
CA TYR B 222 -19.61 -18.52 14.80
C TYR B 222 -18.93 -18.32 16.14
N GLY B 223 -19.08 -17.15 16.77
CA GLY B 223 -18.61 -16.94 18.12
C GLY B 223 -17.16 -16.55 18.26
N MET B 224 -16.49 -16.14 17.18
CA MET B 224 -15.10 -15.73 17.22
C MET B 224 -14.99 -14.23 16.99
N GLU B 225 -14.27 -13.55 17.88
CA GLU B 225 -14.12 -12.10 17.83
C GLU B 225 -12.68 -11.73 17.54
N LEU B 226 -12.50 -10.58 16.89
CA LEU B 226 -11.20 -10.23 16.36
C LEU B 226 -10.18 -9.96 17.46
N GLU B 227 -8.99 -10.52 17.29
CA GLU B 227 -7.84 -10.24 18.13
C GLU B 227 -6.72 -9.48 17.43
N LEU B 228 -6.53 -9.68 16.13
CA LEU B 228 -5.37 -9.18 15.41
C LEU B 228 -5.69 -9.07 13.92
N GLN B 229 -5.29 -7.95 13.32
CA GLN B 229 -5.42 -7.74 11.87
C GLN B 229 -4.26 -6.96 11.27
N LYS B 230 -3.09 -7.02 11.90
CA LYS B 230 -1.94 -6.23 11.48
C LYS B 230 -1.27 -6.82 10.24
N GLY B 231 -1.03 -5.95 9.24
CA GLY B 231 -0.21 -6.34 8.12
C GLY B 231 1.18 -6.73 8.58
N PHE B 232 1.89 -7.51 7.76
CA PHE B 232 3.18 -8.01 8.21
C PHE B 232 4.14 -6.89 8.62
N ASN B 233 4.18 -5.81 7.85
CA ASN B 233 5.07 -4.70 8.17
C ASN B 233 4.78 -4.15 9.55
N GLU B 234 3.53 -3.80 9.83
CA GLU B 234 3.20 -3.19 11.10
C GLU B 234 3.46 -4.17 12.24
N PHE B 235 3.10 -5.43 12.01
CA PHE B 235 3.30 -6.45 13.03
C PHE B 235 4.76 -6.61 13.37
N PHE B 236 5.62 -6.70 12.33
CA PHE B 236 7.06 -6.81 12.59
C PHE B 236 7.60 -5.58 13.31
N VAL B 237 7.19 -4.38 12.89
CA VAL B 237 7.72 -3.15 13.49
C VAL B 237 7.37 -3.11 14.96
N GLU B 238 6.15 -3.57 15.30
CA GLU B 238 5.70 -3.50 16.69
C GLU B 238 6.37 -4.56 17.55
N GLU B 239 6.65 -5.74 17.00
CA GLU B 239 7.15 -6.85 17.79
C GLU B 239 8.68 -6.98 17.80
N ILE B 240 9.38 -6.35 16.83
CA ILE B 240 10.83 -6.54 16.73
C ILE B 240 11.61 -6.08 17.96
N PRO B 241 11.25 -4.99 18.66
CA PRO B 241 12.08 -4.62 19.82
C PRO B 241 12.18 -5.72 20.85
N ASN B 242 11.11 -6.47 21.05
CA ASN B 242 11.11 -7.55 22.03
C ASN B 242 11.59 -8.87 21.44
N TRP B 243 11.84 -8.94 20.13
CA TRP B 243 12.19 -10.19 19.49
C TRP B 243 13.63 -10.25 18.97
N VAL B 244 14.31 -9.12 18.79
CA VAL B 244 15.64 -9.14 18.19
C VAL B 244 16.53 -10.18 18.85
N ASN B 245 16.57 -10.19 20.18
CA ASN B 245 17.46 -11.09 20.91
C ASN B 245 16.87 -12.47 21.12
N ARG B 246 15.59 -12.68 20.79
CA ARG B 246 14.98 -14.00 20.88
C ARG B 246 15.21 -14.86 19.63
N PHE B 247 15.40 -14.21 18.48
CA PHE B 247 15.61 -14.96 17.25
C PHE B 247 16.90 -15.76 17.34
N SER B 248 16.97 -16.83 16.54
CA SER B 248 18.20 -17.55 16.39
C SER B 248 19.26 -16.64 15.77
N PRO B 249 20.54 -16.95 15.99
CA PRO B 249 21.60 -16.19 15.29
C PRO B 249 21.40 -16.11 13.78
N LYS B 250 21.02 -17.19 13.12
CA LYS B 250 20.89 -17.16 11.66
C LYS B 250 19.73 -16.27 11.23
N MET B 251 18.61 -16.37 11.91
CA MET B 251 17.44 -15.60 11.54
C MET B 251 17.66 -14.12 11.82
N ARG B 252 18.27 -13.78 12.96
CA ARG B 252 18.55 -12.38 13.26
C ARG B 252 19.47 -11.77 12.20
N GLU B 253 20.55 -12.47 11.86
CA GLU B 253 21.47 -11.95 10.85
C GLU B 253 20.77 -11.80 9.50
N GLY B 254 19.91 -12.77 9.14
CA GLY B 254 19.17 -12.67 7.90
C GLY B 254 18.24 -11.47 7.85
N LEU B 255 17.68 -11.07 8.99
CA LEU B 255 16.81 -9.91 9.04
C LEU B 255 17.57 -8.59 9.05
N LYS B 256 18.90 -8.61 9.18
CA LYS B 256 19.64 -7.37 9.35
C LYS B 256 19.70 -6.62 8.02
N ARG B 257 19.32 -5.34 8.06
CA ARG B 257 19.30 -4.50 6.88
C ARG B 257 20.63 -3.75 6.75
N SER B 258 20.82 -3.17 5.57
CA SER B 258 22.05 -2.40 5.32
C SER B 258 22.25 -1.27 6.31
N ASP B 259 21.19 -0.77 6.94
CA ASP B 259 21.28 0.31 7.90
C ASP B 259 21.42 -0.16 9.34
N GLY B 260 21.58 -1.46 9.57
CA GLY B 260 21.74 -1.98 10.90
C GLY B 260 20.46 -2.24 11.66
N ARG B 261 19.31 -1.84 11.13
CA ARG B 261 18.03 -2.19 11.72
C ARG B 261 17.57 -3.50 11.08
N TYR B 262 16.35 -3.91 11.37
CA TYR B 262 15.88 -5.25 11.00
C TYR B 262 14.63 -5.16 10.16
N GLY B 263 14.49 -6.13 9.25
CA GLY B 263 13.29 -6.23 8.46
C GLY B 263 13.61 -6.63 7.04
N VAL B 264 12.93 -6.01 6.06
CA VAL B 264 13.19 -6.21 4.64
C VAL B 264 13.39 -4.85 3.96
N GLU B 265 14.15 -4.85 2.89
CA GLU B 265 14.40 -3.68 2.05
C GLU B 265 14.54 -4.19 0.61
N GLY B 266 14.47 -3.30 -0.34
CA GLY B 266 14.64 -3.83 -1.70
C GLY B 266 13.39 -4.57 -2.19
N VAL B 267 13.56 -5.31 -3.29
CA VAL B 267 12.39 -5.66 -4.09
C VAL B 267 11.43 -6.56 -3.33
N GLU B 268 11.93 -7.35 -2.37
CA GLU B 268 11.05 -8.23 -1.62
CA GLU B 268 11.06 -8.23 -1.61
C GLU B 268 10.14 -7.49 -0.65
N LYS B 269 10.37 -6.20 -0.40
CA LYS B 269 9.55 -5.47 0.58
C LYS B 269 8.06 -5.51 0.26
N GLU B 270 7.67 -5.27 -0.99
CA GLU B 270 6.23 -5.26 -1.28
C GLU B 270 5.60 -6.63 -1.04
N PRO B 271 6.05 -7.71 -1.69
CA PRO B 271 5.37 -9.00 -1.42
C PRO B 271 5.52 -9.47 0.01
N ALA B 272 6.67 -9.24 0.65
CA ALA B 272 6.85 -9.80 1.99
C ALA B 272 6.08 -9.01 3.05
N ALA B 273 6.12 -7.69 2.98
CA ALA B 273 5.66 -6.84 4.06
C ALA B 273 4.34 -6.14 3.82
N TYR B 274 3.91 -5.97 2.56
CA TYR B 274 2.62 -5.38 2.26
CA TYR B 274 2.62 -5.37 2.25
C TYR B 274 1.57 -6.35 1.76
N PHE B 275 1.95 -7.39 1.01
CA PHE B 275 0.93 -8.20 0.38
C PHE B 275 0.15 -9.04 1.37
N TYR B 276 0.75 -9.41 2.51
CA TYR B 276 0.13 -10.31 3.47
C TYR B 276 -0.19 -9.61 4.80
N THR B 277 -1.20 -10.15 5.50
CA THR B 277 -1.57 -9.71 6.83
C THR B 277 -1.65 -10.91 7.75
N THR B 278 -1.38 -10.62 9.03
CA THR B 278 -1.72 -11.56 10.08
C THR B 278 -3.23 -11.48 10.32
N PHE B 279 -3.75 -12.53 10.95
CA PHE B 279 -5.08 -12.51 11.51
C PHE B 279 -5.09 -13.35 12.79
N ALA B 280 -5.95 -12.95 13.72
CA ALA B 280 -6.24 -13.79 14.86
C ALA B 280 -7.63 -13.46 15.39
N PHE B 281 -8.30 -14.51 15.89
CA PHE B 281 -9.59 -14.39 16.55
C PHE B 281 -9.56 -15.23 17.82
N ARG B 282 -10.44 -14.89 18.75
CA ARG B 282 -10.65 -15.70 19.94
C ARG B 282 -12.06 -16.25 19.93
N LYS B 283 -12.20 -17.53 20.28
CA LYS B 283 -13.53 -18.12 20.41
C LYS B 283 -14.06 -17.68 21.77
N VAL B 284 -15.01 -16.75 21.78
CA VAL B 284 -15.47 -16.21 23.05
C VAL B 284 -16.71 -16.90 23.58
N ARG B 285 -17.39 -17.70 22.77
CA ARG B 285 -18.61 -18.37 23.20
C ARG B 285 -18.83 -19.55 22.27
N ASP B 286 -19.66 -20.47 22.73
CA ASP B 286 -20.27 -21.45 21.85
C ASP B 286 -21.43 -20.75 21.17
N TYR B 287 -21.35 -20.57 19.85
CA TYR B 287 -22.39 -19.80 19.11
C TYR B 287 -23.76 -20.48 19.26
N GLN B 288 -23.81 -21.72 19.72
CA GLN B 288 -25.08 -22.47 19.93
C GLN B 288 -25.53 -22.46 21.40
N GLU B 289 -24.94 -21.62 22.25
CA GLU B 289 -25.28 -21.61 23.71
C GLU B 289 -26.73 -21.17 23.92
N SFG C . 5.38 23.26 -5.49
CA SFG C . 6.39 23.53 -4.42
C SFG C . 7.36 22.35 -4.26
O SFG C . 8.42 22.57 -3.61
OXT SFG C . 7.04 21.25 -4.78
CB SFG C . 5.73 23.89 -3.09
CG SFG C . 4.98 22.75 -2.41
CD SFG C . 4.46 23.09 -1.02
NE SFG C . 4.33 21.81 -0.25
C5' SFG C . 3.10 23.76 -1.01
C4' SFG C . 3.04 25.17 -1.55
O4' SFG C . 1.64 25.56 -1.65
C3' SFG C . 3.72 26.24 -0.69
O3' SFG C . 4.70 26.89 -1.49
C2' SFG C . 2.54 27.11 -0.23
O2' SFG C . 2.90 28.44 0.03
C1' SFG C . 1.59 26.96 -1.39
N9 SFG C . 0.20 27.29 -1.15
C8 SFG C . -0.62 26.87 -0.15
N7 SFG C . -1.83 27.35 -0.26
C5 SFG C . -1.80 28.15 -1.40
C6 SFG C . -2.78 28.96 -2.03
N6 SFG C . -4.02 29.09 -1.59
N1 SFG C . -2.40 29.61 -3.15
C2 SFG C . -1.14 29.50 -3.57
N3 SFG C . -0.15 28.79 -3.05
C4 SFG C . -0.54 28.14 -1.95
H5'1 SFG C . 2.77 23.77 -0.09
H5'2 SFG C . 2.49 23.21 -1.53
H4' SFG C . 3.47 25.18 -2.44
H3' SFG C . 4.14 25.88 0.14
H2' SFG C . 2.12 26.72 0.59
HO2' SFG C . 3.63 28.61 -0.37
H1' SFG C . 1.90 27.52 -2.13
PG GTP D . 12.97 23.37 -2.47
O1G GTP D . 13.90 24.24 -1.65
O2G GTP D . 11.56 23.54 -1.96
O3G GTP D . 13.02 23.82 -3.92
O3B GTP D . 13.49 21.83 -2.32
PB GTP D . 12.71 20.46 -2.67
O1B GTP D . 11.25 20.69 -3.00
O2B GTP D . 13.44 19.75 -3.78
O3A GTP D . 13.03 19.50 -1.36
PA GTP D . 12.35 19.35 0.11
O1A GTP D . 11.25 20.34 0.26
O2A GTP D . 13.31 19.26 1.29
O5' GTP D . 11.56 17.94 0.02
C5' GTP D . 10.54 17.87 -0.94
C4' GTP D . 9.77 16.62 -0.56
O4' GTP D . 8.85 16.86 0.48
C3' GTP D . 8.88 16.16 -1.72
O3' GTP D . 9.51 15.33 -2.64
C2' GTP D . 7.71 15.46 -1.05
O2' GTP D . 8.10 14.16 -0.69
C1' GTP D . 7.57 16.25 0.21
N9 GTP D . 6.62 17.35 0.19
C8 GTP D . 6.81 18.67 -0.17
N7 GTP D . 5.66 19.34 0.06
C5 GTP D . 4.74 18.49 0.59
C6 GTP D . 3.43 18.63 1.05
O6 GTP D . 2.81 19.71 1.04
N1 GTP D . 2.80 17.53 1.55
C2 GTP D . 3.44 16.29 1.57
N2 GTP D . 2.75 15.26 2.04
N3 GTP D . 4.72 16.12 1.18
C4 GTP D . 5.35 17.24 0.67
H4' GTP D . 10.53 15.90 -0.29
H3' GTP D . 8.57 17.01 -2.31
HO3' GTP D . 8.86 14.99 -3.29
H2' GTP D . 6.82 15.40 -1.67
HO2' GTP D . 8.35 14.14 0.26
H1' GTP D . 7.20 15.53 0.93
H8 GTP D . 7.73 19.10 -0.57
HN1 GTP D . 1.84 17.62 1.92
HN21 GTP D . 3.18 14.34 2.10
HN22 GTP D . 1.78 15.39 2.34
NA NA E . -12.24 14.14 -14.73
NA NA F . -3.78 14.41 0.86
NA NA G . -5.31 11.35 -4.17
NA NA H . -9.15 14.25 10.34
NA NA I . -10.28 16.20 2.65
S SO4 J . -10.99 4.39 -15.32
O1 SO4 J . -9.90 4.34 -16.34
O2 SO4 J . -10.40 4.96 -14.06
O3 SO4 J . -11.48 3.00 -15.01
O4 SO4 J . -12.13 5.22 -15.80
S SO4 K . 12.31 2.02 9.99
O1 SO4 K . 11.85 3.14 9.10
O2 SO4 K . 11.57 2.09 11.30
O3 SO4 K . 11.99 0.71 9.33
O4 SO4 K . 13.78 2.15 10.22
S SO4 L . 12.07 -4.44 -9.79
O1 SO4 L . 11.47 -5.55 -8.96
O2 SO4 L . 11.47 -4.42 -11.17
O3 SO4 L . 11.79 -3.12 -9.13
O4 SO4 L . 13.55 -4.63 -9.90
C1 EDO M . 9.17 26.20 4.60
O1 EDO M . 9.73 25.28 3.70
C2 EDO M . 9.23 27.59 4.02
O2 EDO M . 10.54 27.87 3.58
H11 EDO M . 8.24 25.98 4.79
H12 EDO M . 9.63 26.19 5.45
HO1 EDO M . 9.82 24.53 4.11
H21 EDO M . 8.93 28.20 4.70
H22 EDO M . 8.58 27.64 3.30
HO2 EDO M . 10.58 28.68 3.34
N SFG N . 0.60 -23.83 5.35
CA SFG N . 1.59 -24.36 4.36
C SFG N . 2.76 -23.39 4.20
O SFG N . 3.76 -23.79 3.60
OXT SFG N . 2.63 -22.24 4.70
CB SFG N . 0.93 -24.61 3.00
CG SFG N . 0.39 -23.36 2.30
CD SFG N . -0.13 -23.60 0.88
NE SFG N . -0.03 -22.33 0.11
C5' SFG N . -1.59 -23.98 0.86
C4' SFG N . -1.95 -25.35 1.38
O4' SFG N . -3.39 -25.48 1.43
C3' SFG N . -1.45 -26.52 0.55
O3' SFG N . -0.67 -27.41 1.34
C2' SFG N . -2.74 -27.18 0.03
O2' SFG N . -2.60 -28.56 -0.24
C1' SFG N . -3.69 -26.85 1.16
N9 SFG N . -5.11 -26.97 0.92
C8 SFG N . -5.82 -26.39 -0.10
N7 SFG N . -7.11 -26.65 -0.04
C5 SFG N . -7.25 -27.42 1.11
C6 SFG N . -8.38 -28.01 1.71
N6 SFG N . -9.61 -27.94 1.22
N1 SFG N . -8.17 -28.72 2.84
C2 SFG N . -6.92 -28.85 3.31
N3 SFG N . -5.79 -28.36 2.81
C4 SFG N . -6.03 -27.62 1.70
H5'1 SFG N . -1.92 -23.91 -0.06
H5'2 SFG N . -2.09 -23.31 1.38
H4' SFG N . -1.57 -25.45 2.30
H3' SFG N . -0.92 -26.20 -0.23
HO3' SFG N . 0.16 -27.23 1.23
H2' SFG N . -3.06 -26.74 -0.80
HO2' SFG N . -2.04 -28.67 -0.87
H1' SFG N . -3.51 -27.45 1.92
PG GTP O . 8.18 -25.30 2.60
O1G GTP O . 8.98 -26.30 1.78
O2G GTP O . 6.79 -25.19 2.02
O3G GTP O . 8.11 -25.71 4.07
O3B GTP O . 9.02 -23.93 2.49
PB GTP O . 8.52 -22.45 2.86
O1B GTP O . 7.03 -22.39 3.07
O2B GTP O . 9.27 -21.88 4.03
O3A GTP O . 9.09 -21.61 1.57
PA GTP O . 8.52 -21.43 0.05
O1A GTP O . 7.31 -22.29 -0.20
O2A GTP O . 9.63 -21.48 -0.98
O5' GTP O . 7.97 -19.92 0.10
C5' GTP O . 7.01 -19.63 1.10
C4' GTP O . 6.38 -18.31 0.74
O4' GTP O . 5.47 -18.34 -0.36
C3' GTP O . 5.55 -17.71 1.88
O3' GTP O . 6.31 -17.04 2.82
C2' GTP O . 4.59 -16.78 1.15
O2' GTP O . 5.24 -15.58 0.81
C1' GTP O . 4.31 -17.54 -0.13
N9 GTP O . 3.16 -18.44 -0.15
C8 GTP O . 3.08 -19.76 0.19
N7 GTP O . 1.84 -20.23 -0.07
C5 GTP O . 1.13 -19.20 -0.63
C6 GTP O . -0.17 -19.10 -1.12
O6 GTP O . -1.00 -20.03 -1.18
N1 GTP O . -0.55 -17.87 -1.64
C2 GTP O . 0.30 -16.78 -1.65
N2 GTP O . -0.14 -15.63 -2.13
N3 GTP O . 1.57 -16.88 -1.17
C4 GTP O . 1.96 -18.07 -0.68
H4' GTP O . 7.26 -17.72 0.50
H3' GTP O . 5.05 -18.48 2.46
HO3' GTP O . 5.71 -16.63 3.49
H2' GTP O . 3.72 -16.53 1.75
HO2' GTP O . 5.55 -15.63 -0.13
H1' GTP O . 4.08 -16.76 -0.86
H8 GTP O . 3.89 -20.35 0.61
HN1 GTP O . -1.50 -17.76 -2.06
HN21 GTP O . 0.47 -14.82 -2.13
HN22 GTP O . -1.09 -15.56 -2.48
NA NA P . -7.43 -10.23 3.80
NA NA Q . -11.33 -12.39 -10.84
NA NA R . -13.03 -14.16 -3.11
NA NA S . -6.40 -13.50 -1.15
NA NA T . -15.09 -11.55 14.26
S SO4 U . -20.45 -31.63 11.57
O1 SO4 U . -20.79 -31.41 10.13
O2 SO4 U . -19.33 -30.71 11.97
O3 SO4 U . -21.65 -31.34 12.42
O4 SO4 U . -20.02 -33.05 11.77
S SO4 V . -12.20 -2.16 14.74
O1 SO4 V . -12.39 -0.69 14.52
O2 SO4 V . -11.37 -2.42 15.94
O3 SO4 V . -13.55 -2.81 14.89
O4 SO4 V . -11.51 -2.74 13.53
C1 EDO W . 3.43 -28.63 -4.38
O1 EDO W . 4.34 -29.40 -3.64
C2 EDO W . 3.82 -27.21 -4.48
O2 EDO W . 4.61 -26.77 -3.39
H11 EDO W . 2.55 -28.70 -3.97
H12 EDO W . 3.38 -29.00 -5.29
HO1 EDO W . 4.27 -30.21 -3.85
H21 EDO W . 4.31 -27.06 -5.31
H22 EDO W . 3.00 -26.66 -4.51
HO2 EDO W . 5.09 -26.12 -3.64
C1 EDO X . -3.01 -15.54 25.21
O1 EDO X . -3.60 -16.12 26.35
C2 EDO X . -1.70 -16.21 24.89
O2 EDO X . -0.79 -15.99 25.96
H11 EDO X . -2.85 -14.59 25.34
H12 EDO X . -3.59 -15.62 24.43
HO1 EDO X . -4.38 -15.79 26.45
H21 EDO X . -1.37 -15.86 24.04
H22 EDO X . -1.87 -17.16 24.74
HO2 EDO X . -0.31 -15.31 25.77
C1 EDO Y . 11.63 -23.94 11.15
O1 EDO Y . 10.47 -23.81 11.94
C2 EDO Y . 12.51 -22.76 11.38
O2 EDO Y . 12.90 -22.73 12.73
H11 EDO Y . 11.41 -24.00 10.21
H12 EDO Y . 12.12 -24.75 11.36
HO1 EDO Y . 9.96 -24.45 11.75
H21 EDO Y . 12.03 -21.96 11.12
H22 EDO Y . 13.28 -22.83 10.78
HO2 EDO Y . 13.55 -23.27 12.83
#